data_7UEM
#
_entry.id   7UEM
#
_cell.length_a   86.937
_cell.length_b   65.931
_cell.length_c   151.513
_cell.angle_alpha   90.000
_cell.angle_beta   90.910
_cell.angle_gamma   90.000
#
_symmetry.space_group_name_H-M   'C 1 2 1'
#
loop_
_entity.id
_entity.type
_entity.pdbx_description
1 polymer 'Light chain Fab of antibody HKB7'
2 polymer 'Heavy chain Fab arm of antibody HKB7'
3 branched alpha-D-galactopyranose-(1-3)-beta-D-galactopyranose
4 non-polymer 'CHLORIDE ION'
5 water water
#
loop_
_entity_poly.entity_id
_entity_poly.type
_entity_poly.pdbx_seq_one_letter_code
_entity_poly.pdbx_strand_id
1 'polypeptide(L)'
;DVVMTQSPLSLPVTLGQPASISCRSSQSLVYSDGNTYLAWFQQRPGQSPRRLIYRVSNRDSGVPDRFSGSGSGTDFTLKI
SRVEAEDVGVYYCLQGTHGPHTFGQGTNLEIKRTVAAPSVFIFPPSDEQLKSGTASVVCLLNNFYPREAKVQWKVDNALQ
SGNSQESVTEQDSKDSTYSLSSTLTLSKADYEKHKVYACEVTHQGLSSPVTKSFNRGEC
;
C,L
2 'polypeptide(L)'
;EVQLVESGGGLVQPGGSLRLSCAASGFIFRDSWMTWVRQAPGKGPEWVADINQGGSHKYYVDSVKGRFTISRDDAKNSLY
LQMNSLRAEDTAVYYCARDPEFGALDYWGQGALVTVSSASTKGPSVFPLAPSSKSTSGGTAALGCLVKDYFPEPVTVSWN
SGALTSGVHTFPAVLQSSGLYSLSSVVTVPSSSLGTQTYICNVNHKPSNTKVDKKVEPKSCGSHHHHHH
;
D,H
#
loop_
_chem_comp.id
_chem_comp.type
_chem_comp.name
_chem_comp.formula
CL non-polymer 'CHLORIDE ION' 'Cl -1'
GAL D-saccharide, beta linking beta-D-galactopyranose 'C6 H12 O6'
GLA D-saccharide, alpha linking alpha-D-galactopyranose 'C6 H12 O6'
#
# COMPACT_ATOMS: atom_id res chain seq x y z
N ASP A 1 -21.39 4.89 19.81
CA ASP A 1 -20.33 5.06 18.82
C ASP A 1 -19.18 5.88 19.38
N VAL A 2 -17.96 5.63 18.90
CA VAL A 2 -16.79 6.36 19.37
C VAL A 2 -16.88 7.80 18.90
N VAL A 3 -16.67 8.74 19.82
CA VAL A 3 -16.70 10.15 19.50
C VAL A 3 -15.27 10.59 19.13
N MET A 4 -15.11 11.13 17.92
CA MET A 4 -13.85 11.73 17.51
C MET A 4 -13.98 13.26 17.58
N THR A 5 -13.13 13.89 18.39
CA THR A 5 -13.14 15.33 18.58
C THR A 5 -11.84 15.96 18.08
N GLN A 6 -11.94 16.85 17.10
CA GLN A 6 -10.79 17.52 16.51
C GLN A 6 -10.66 18.95 17.01
N SER A 7 -9.41 19.41 17.07
CA SER A 7 -9.09 20.78 17.45
C SER A 7 -7.80 21.21 16.75
N PRO A 8 -7.68 22.46 16.29
CA PRO A 8 -8.70 23.52 16.31
C PRO A 8 -9.81 23.30 15.27
N LEU A 9 -10.84 24.15 15.29
CA LEU A 9 -11.88 24.06 14.29
C LEU A 9 -11.47 24.76 13.00
N SER A 10 -10.66 25.81 13.13
CA SER A 10 -10.06 26.54 12.01
C SER A 10 -8.61 26.82 12.34
N LEU A 11 -7.74 26.69 11.35
CA LEU A 11 -6.30 26.89 11.55
C LEU A 11 -5.77 27.81 10.47
N PRO A 12 -5.48 29.08 10.78
CA PRO A 12 -4.85 29.98 9.79
C PRO A 12 -3.34 29.78 9.74
N VAL A 13 -2.83 29.53 8.55
CA VAL A 13 -1.40 29.25 8.34
C VAL A 13 -0.92 30.01 7.11
N THR A 14 0.32 30.49 7.18
CA THR A 14 1.03 31.05 6.03
C THR A 14 1.92 30.00 5.39
N LEU A 15 2.09 30.12 4.08
CA LEU A 15 2.84 29.15 3.29
C LEU A 15 4.28 29.03 3.77
N GLY A 16 4.72 27.80 3.96
CA GLY A 16 6.06 27.51 4.40
C GLY A 16 6.17 27.22 5.88
N GLN A 17 5.16 27.54 6.66
CA GLN A 17 5.19 27.39 8.10
C GLN A 17 4.48 26.10 8.51
N PRO A 18 4.73 25.62 9.73
CA PRO A 18 4.10 24.36 10.16
C PRO A 18 2.66 24.57 10.61
N ALA A 19 1.93 23.45 10.68
CA ALA A 19 0.56 23.41 11.17
C ALA A 19 0.34 22.10 11.90
N SER A 20 -0.44 22.16 12.98
CA SER A 20 -0.72 20.99 13.80
C SER A 20 -2.22 20.86 14.02
N ILE A 21 -2.74 19.63 13.84
CA ILE A 21 -4.15 19.29 14.07
C ILE A 21 -4.22 18.15 15.07
N SER A 22 -5.05 18.29 16.09
CA SER A 22 -5.25 17.28 17.12
C SER A 22 -6.56 16.55 16.91
N CYS A 23 -6.61 15.32 17.41
CA CYS A 23 -7.80 14.48 17.32
C CYS A 23 -7.84 13.58 18.54
N ARG A 24 -8.97 13.56 19.25
CA ARG A 24 -9.16 12.74 20.44
C ARG A 24 -10.31 11.77 20.23
N SER A 25 -10.13 10.54 20.67
CA SER A 25 -11.21 9.57 20.65
C SER A 25 -11.78 9.41 22.05
N SER A 26 -13.03 8.95 22.11
CA SER A 26 -13.66 8.68 23.39
C SER A 26 -13.33 7.28 23.92
N GLN A 27 -12.62 6.47 23.13
CA GLN A 27 -12.11 5.17 23.59
C GLN A 27 -10.73 4.96 23.00
N SER A 28 -9.98 4.06 23.62
CA SER A 28 -8.70 3.66 23.06
C SER A 28 -8.89 3.08 21.66
N LEU A 29 -7.94 3.38 20.77
CA LEU A 29 -8.00 2.91 19.40
C LEU A 29 -7.06 1.74 19.14
N VAL A 30 -6.51 1.13 20.19
CA VAL A 30 -5.72 -0.10 20.03
C VAL A 30 -6.69 -1.24 19.74
N TYR A 31 -6.49 -1.90 18.60
CA TYR A 31 -7.27 -3.07 18.23
C TYR A 31 -6.65 -4.33 18.87
N SER A 32 -7.43 -5.42 18.85
CA SER A 32 -6.98 -6.65 19.50
C SER A 32 -5.76 -7.27 18.82
N ASP A 33 -5.47 -6.88 17.58
CA ASP A 33 -4.26 -7.36 16.91
C ASP A 33 -3.02 -6.55 17.29
N GLY A 34 -3.14 -5.57 18.18
CA GLY A 34 -2.03 -4.74 18.58
C GLY A 34 -1.82 -3.47 17.76
N ASN A 35 -2.49 -3.33 16.62
CA ASN A 35 -2.37 -2.12 15.83
C ASN A 35 -3.40 -1.07 16.25
N THR A 36 -3.08 0.18 15.98
CA THR A 36 -3.99 1.31 16.18
C THR A 36 -4.42 1.82 14.82
N TYR A 37 -5.73 1.94 14.61
CA TYR A 37 -6.29 2.30 13.31
C TYR A 37 -6.89 3.71 13.39
N LEU A 38 -6.04 4.69 13.05
CA LEU A 38 -6.43 6.09 12.96
C LEU A 38 -5.89 6.63 11.64
N ALA A 39 -6.78 7.22 10.84
CA ALA A 39 -6.41 7.77 9.55
C ALA A 39 -6.79 9.25 9.50
N TRP A 40 -6.09 9.97 8.64
CA TRP A 40 -6.36 11.37 8.38
C TRP A 40 -6.73 11.52 6.92
N PHE A 41 -7.75 12.32 6.65
CA PHE A 41 -8.17 12.60 5.28
C PHE A 41 -8.13 14.10 5.02
N GLN A 42 -7.90 14.45 3.75
CA GLN A 42 -7.96 15.82 3.30
C GLN A 42 -9.09 15.92 2.28
N GLN A 43 -9.90 16.97 2.40
CA GLN A 43 -10.91 17.27 1.40
C GLN A 43 -10.63 18.66 0.83
N ARG A 44 -10.16 18.70 -0.40
CA ARG A 44 -9.99 19.95 -1.10
C ARG A 44 -11.33 20.44 -1.62
N PRO A 45 -11.51 21.76 -1.71
CA PRO A 45 -12.82 22.31 -2.09
C PRO A 45 -13.36 21.68 -3.37
N GLY A 46 -14.60 21.18 -3.26
CA GLY A 46 -15.28 20.59 -4.41
C GLY A 46 -14.72 19.28 -4.88
N GLN A 47 -14.09 18.51 -4.01
CA GLN A 47 -13.51 17.24 -4.42
C GLN A 47 -13.81 16.18 -3.36
N SER A 48 -13.62 14.93 -3.75
CA SER A 48 -13.75 13.84 -2.80
C SER A 48 -12.66 13.93 -1.74
N PRO A 49 -12.91 13.41 -0.55
CA PRO A 49 -11.82 13.21 0.40
C PRO A 49 -10.71 12.34 -0.17
N ARG A 50 -9.51 12.53 0.36
CA ARG A 50 -8.30 11.87 -0.11
C ARG A 50 -7.48 11.48 1.12
N ARG A 51 -6.98 10.25 1.12
CA ARG A 51 -6.26 9.71 2.28
C ARG A 51 -4.86 10.30 2.38
N LEU A 52 -4.48 10.71 3.60
CA LEU A 52 -3.12 11.20 3.85
C LEU A 52 -2.31 10.25 4.73
N ILE A 53 -2.87 9.91 5.89
CA ILE A 53 -2.20 9.12 6.91
C ILE A 53 -3.15 8.00 7.29
N TYR A 54 -2.58 6.85 7.63
CA TYR A 54 -3.34 5.73 8.13
C TYR A 54 -2.43 4.94 9.06
N ARG A 55 -3.05 4.09 9.89
CA ARG A 55 -2.33 3.35 10.93
C ARG A 55 -1.49 4.28 11.78
N VAL A 56 -2.08 5.44 12.13
CA VAL A 56 -1.51 6.49 12.96
C VAL A 56 -0.45 7.28 12.21
N SER A 57 0.45 6.60 11.49
CA SER A 57 1.64 7.27 10.98
C SER A 57 2.06 6.83 9.58
N ASN A 58 1.42 5.84 8.97
CA ASN A 58 1.73 5.50 7.60
C ASN A 58 1.28 6.62 6.67
N ARG A 59 2.14 7.00 5.74
CA ARG A 59 1.80 7.99 4.73
C ARG A 59 1.30 7.27 3.46
N ASP A 60 0.19 7.76 2.91
CA ASP A 60 -0.37 7.24 1.67
C ASP A 60 0.65 7.42 0.54
N SER A 61 0.54 6.58 -0.49
CA SER A 61 1.56 6.57 -1.54
C SER A 61 1.63 7.89 -2.31
N GLY A 62 0.54 8.65 -2.38
CA GLY A 62 0.57 9.90 -3.12
C GLY A 62 0.73 11.13 -2.25
N VAL A 63 1.23 10.96 -1.04
CA VAL A 63 1.25 12.00 -0.02
C VAL A 63 2.70 12.20 0.43
N PRO A 64 3.24 13.41 0.37
CA PRO A 64 4.65 13.63 0.72
C PRO A 64 4.90 13.51 2.21
N ASP A 65 6.20 13.42 2.54
CA ASP A 65 6.65 13.34 3.93
C ASP A 65 6.41 14.62 4.72
N ARG A 66 5.93 15.70 4.07
CA ARG A 66 5.55 16.91 4.82
C ARG A 66 4.49 16.59 5.87
N PHE A 67 3.54 15.71 5.53
CA PHE A 67 2.56 15.22 6.47
C PHE A 67 3.13 14.12 7.35
N SER A 68 2.86 14.19 8.64
CA SER A 68 3.25 13.14 9.58
C SER A 68 2.13 12.95 10.60
N GLY A 69 1.88 11.71 10.98
CA GLY A 69 0.91 11.39 12.01
C GLY A 69 1.60 10.83 13.24
N SER A 70 1.05 11.15 14.42
CA SER A 70 1.62 10.68 15.67
C SER A 70 0.49 10.52 16.69
N GLY A 71 0.79 9.77 17.76
CA GLY A 71 -0.07 9.67 18.91
C GLY A 71 -0.26 8.23 19.34
N SER A 72 -1.04 8.07 20.41
CA SER A 72 -1.28 6.74 20.98
C SER A 72 -2.52 6.79 21.89
N GLY A 73 -3.13 5.62 22.08
CA GLY A 73 -4.26 5.51 22.97
C GLY A 73 -5.47 6.22 22.41
N THR A 74 -5.73 7.45 22.87
CA THR A 74 -6.84 8.26 22.37
C THR A 74 -6.44 9.65 21.88
N ASP A 75 -5.14 10.00 21.85
CA ASP A 75 -4.69 11.35 21.53
C ASP A 75 -3.79 11.31 20.31
N PHE A 76 -4.15 12.04 19.26
CA PHE A 76 -3.46 11.93 17.99
C PHE A 76 -3.26 13.30 17.37
N THR A 77 -2.19 13.43 16.58
CA THR A 77 -1.79 14.71 16.01
C THR A 77 -1.40 14.54 14.55
N LEU A 78 -1.87 15.45 13.70
CA LEU A 78 -1.40 15.55 12.33
C LEU A 78 -0.58 16.83 12.18
N LYS A 79 0.59 16.71 11.55
CA LYS A 79 1.51 17.83 11.42
C LYS A 79 1.90 17.99 9.97
N ILE A 80 1.83 19.21 9.49
CA ILE A 80 2.40 19.57 8.19
C ILE A 80 3.61 20.45 8.48
N SER A 81 4.79 19.97 8.07
CA SER A 81 6.03 20.69 8.38
C SER A 81 6.11 22.02 7.62
N ARG A 82 5.74 22.03 6.34
CA ARG A 82 5.72 23.25 5.53
C ARG A 82 4.43 23.23 4.73
N VAL A 83 3.57 24.21 4.95
CA VAL A 83 2.26 24.23 4.29
C VAL A 83 2.43 24.79 2.88
N GLU A 84 1.87 24.10 1.90
CA GLU A 84 1.77 24.56 0.52
C GLU A 84 0.35 25.04 0.23
N ALA A 85 0.19 25.74 -0.90
CA ALA A 85 -1.10 26.31 -1.24
C ALA A 85 -2.16 25.23 -1.46
N GLU A 86 -1.77 24.07 -2.00
CA GLU A 86 -2.73 23.01 -2.25
C GLU A 86 -3.16 22.28 -0.99
N ASP A 87 -2.66 22.68 0.17
CA ASP A 87 -3.08 22.03 1.41
C ASP A 87 -4.39 22.61 1.96
N VAL A 88 -4.96 23.63 1.32
CA VAL A 88 -6.17 24.25 1.85
C VAL A 88 -7.33 23.27 1.79
N GLY A 89 -8.25 23.39 2.74
CA GLY A 89 -9.44 22.57 2.77
C GLY A 89 -9.74 22.09 4.18
N VAL A 90 -10.50 21.00 4.26
CA VAL A 90 -10.92 20.44 5.54
C VAL A 90 -10.20 19.12 5.76
N TYR A 91 -9.77 18.89 7.00
CA TYR A 91 -9.06 17.69 7.41
C TYR A 91 -9.89 16.93 8.43
N TYR A 92 -10.01 15.61 8.25
CA TYR A 92 -10.78 14.73 9.11
C TYR A 92 -9.92 13.58 9.60
N CYS A 93 -10.03 13.26 10.88
CA CYS A 93 -9.53 12.01 11.41
C CYS A 93 -10.64 10.95 11.37
N LEU A 94 -10.24 9.70 11.42
CA LEU A 94 -11.15 8.57 11.27
C LEU A 94 -10.59 7.43 12.09
N GLN A 95 -11.34 6.90 13.05
CA GLN A 95 -10.91 5.67 13.70
C GLN A 95 -11.58 4.49 13.04
N GLY A 96 -10.79 3.43 12.79
CA GLY A 96 -11.32 2.23 12.21
C GLY A 96 -11.25 1.04 13.16
N THR A 97 -10.77 1.28 14.38
CA THR A 97 -10.62 0.19 15.34
C THR A 97 -11.98 -0.40 15.74
N HIS A 98 -12.96 0.46 16.04
CA HIS A 98 -14.28 0.02 16.46
C HIS A 98 -15.30 0.15 15.32
N GLY A 99 -16.39 -0.59 15.46
CA GLY A 99 -17.52 -0.47 14.56
C GLY A 99 -18.69 0.20 15.25
N PRO A 100 -19.32 1.20 14.59
CA PRO A 100 -19.00 1.75 13.27
C PRO A 100 -17.75 2.61 13.27
N HIS A 101 -17.16 2.79 12.08
CA HIS A 101 -16.02 3.68 11.95
C HIS A 101 -16.53 5.12 12.00
N THR A 102 -15.84 5.97 12.78
CA THR A 102 -16.32 7.31 12.98
C THR A 102 -15.27 8.34 12.61
N PHE A 103 -15.73 9.36 11.91
CA PHE A 103 -14.97 10.53 11.52
C PHE A 103 -15.07 11.62 12.57
N GLY A 104 -14.03 12.48 12.59
CA GLY A 104 -14.08 13.75 13.28
C GLY A 104 -14.99 14.71 12.54
N GLN A 105 -15.21 15.86 13.20
CA GLN A 105 -16.09 16.88 12.63
C GLN A 105 -15.39 17.76 11.61
N GLY A 106 -14.07 17.71 11.52
CA GLY A 106 -13.37 18.49 10.53
C GLY A 106 -12.58 19.63 11.15
N THR A 107 -11.48 19.98 10.50
CA THR A 107 -10.68 21.15 10.85
C THR A 107 -10.35 21.88 9.55
N ASN A 108 -10.73 23.14 9.46
CA ASN A 108 -10.54 23.93 8.26
C ASN A 108 -9.14 24.55 8.27
N LEU A 109 -8.34 24.21 7.26
CA LEU A 109 -7.02 24.81 7.11
C LEU A 109 -7.17 25.99 6.15
N GLU A 110 -6.78 27.18 6.62
CA GLU A 110 -6.95 28.40 5.86
C GLU A 110 -5.59 29.03 5.62
N ILE A 111 -5.35 29.46 4.38
CA ILE A 111 -4.07 30.00 3.95
C ILE A 111 -4.10 31.52 4.11
N LYS A 112 -3.19 32.05 4.91
CA LYS A 112 -2.98 33.49 4.96
C LYS A 112 -1.96 33.90 3.90
N ARG A 113 -2.27 34.97 3.17
CA ARG A 113 -1.40 35.45 2.11
C ARG A 113 -1.48 36.97 2.06
N THR A 114 -0.82 37.56 1.07
CA THR A 114 -0.79 39.01 0.91
C THR A 114 -2.12 39.53 0.38
N VAL A 115 -2.38 40.80 0.66
CA VAL A 115 -3.65 41.41 0.29
C VAL A 115 -3.76 41.49 -1.21
N ALA A 116 -4.93 41.12 -1.73
CA ALA A 116 -5.26 41.23 -3.15
C ALA A 116 -6.62 41.87 -3.27
N ALA A 117 -6.65 43.08 -3.86
CA ALA A 117 -7.91 43.78 -4.06
C ALA A 117 -8.72 43.10 -5.17
N PRO A 118 -10.05 43.09 -5.05
CA PRO A 118 -10.86 42.48 -6.11
C PRO A 118 -10.90 43.33 -7.37
N SER A 119 -10.99 42.65 -8.50
CA SER A 119 -11.50 43.22 -9.74
C SER A 119 -13.02 43.15 -9.69
N VAL A 120 -13.68 44.24 -10.09
CA VAL A 120 -15.13 44.41 -9.93
C VAL A 120 -15.77 44.51 -11.30
N PHE A 121 -16.80 43.70 -11.52
CA PHE A 121 -17.54 43.66 -12.77
C PHE A 121 -19.03 43.71 -12.48
N ILE A 122 -19.80 44.45 -13.29
CA ILE A 122 -21.24 44.53 -13.11
C ILE A 122 -21.93 44.18 -14.43
N PHE A 123 -23.01 43.40 -14.34
CA PHE A 123 -23.76 42.95 -15.50
C PHE A 123 -25.21 43.38 -15.36
N PRO A 124 -25.75 44.15 -16.30
CA PRO A 124 -27.20 44.41 -16.32
C PRO A 124 -27.96 43.14 -16.65
N PRO A 125 -29.26 43.08 -16.31
CA PRO A 125 -30.06 41.92 -16.69
C PRO A 125 -30.10 41.73 -18.20
N SER A 126 -30.22 40.48 -18.62
CA SER A 126 -30.30 40.18 -20.03
C SER A 126 -31.72 40.44 -20.53
N ASP A 127 -31.83 40.72 -21.81
CA ASP A 127 -33.15 40.96 -22.40
C ASP A 127 -33.99 39.69 -22.39
N GLU A 128 -33.35 38.52 -22.44
CA GLU A 128 -34.10 37.27 -22.36
C GLU A 128 -34.77 37.14 -21.01
N GLN A 129 -34.06 37.49 -19.94
CA GLN A 129 -34.66 37.44 -18.60
C GLN A 129 -35.78 38.47 -18.46
N LEU A 130 -35.59 39.68 -19.01
CA LEU A 130 -36.63 40.71 -18.90
C LEU A 130 -37.92 40.28 -19.55
N LYS A 131 -37.84 39.52 -20.64
CA LYS A 131 -39.03 38.99 -21.29
C LYS A 131 -39.87 38.11 -20.37
N SER A 132 -39.30 37.63 -19.26
CA SER A 132 -40.00 36.71 -18.37
C SER A 132 -40.65 37.40 -17.18
N GLY A 133 -40.21 38.60 -16.81
CA GLY A 133 -40.85 39.37 -15.75
C GLY A 133 -39.98 39.70 -14.55
N THR A 134 -38.74 39.24 -14.48
CA THR A 134 -37.86 39.46 -13.34
C THR A 134 -36.50 39.95 -13.83
N ALA A 135 -35.84 40.77 -13.00
CA ALA A 135 -34.57 41.38 -13.34
C ALA A 135 -33.53 41.02 -12.30
N SER A 136 -32.40 40.46 -12.76
CA SER A 136 -31.26 40.14 -11.91
C SER A 136 -30.06 40.97 -12.36
N VAL A 137 -29.52 41.76 -11.43
CA VAL A 137 -28.29 42.51 -11.64
C VAL A 137 -27.19 41.85 -10.84
N VAL A 138 -26.07 41.55 -11.49
CA VAL A 138 -25.01 40.76 -10.88
C VAL A 138 -23.76 41.61 -10.73
N CYS A 139 -23.22 41.65 -9.51
CA CYS A 139 -21.94 42.27 -9.22
C CYS A 139 -20.95 41.16 -8.87
N LEU A 140 -19.75 41.23 -9.46
CA LEU A 140 -18.73 40.21 -9.27
C LEU A 140 -17.45 40.84 -8.72
N LEU A 141 -16.86 40.17 -7.73
CA LEU A 141 -15.55 40.52 -7.19
C LEU A 141 -14.65 39.31 -7.39
N ASN A 142 -13.53 39.49 -8.09
CA ASN A 142 -12.70 38.38 -8.52
C ASN A 142 -11.32 38.44 -7.92
N ASN A 143 -10.90 37.32 -7.31
CA ASN A 143 -9.50 37.05 -6.92
C ASN A 143 -9.00 38.05 -5.88
N PHE A 144 -9.66 38.06 -4.74
CA PHE A 144 -9.31 38.96 -3.66
C PHE A 144 -8.97 38.16 -2.40
N TYR A 145 -8.24 38.83 -1.50
CA TYR A 145 -7.84 38.33 -0.20
C TYR A 145 -7.60 39.55 0.68
N PRO A 146 -8.07 39.57 1.92
CA PRO A 146 -8.82 38.52 2.65
C PRO A 146 -10.27 38.41 2.22
N ARG A 147 -11.00 37.50 2.89
CA ARG A 147 -12.36 37.15 2.49
C ARG A 147 -13.36 38.26 2.81
N GLU A 148 -13.10 39.05 3.84
CA GLU A 148 -14.05 40.05 4.30
C GLU A 148 -14.20 41.16 3.26
N ALA A 149 -15.42 41.34 2.76
CA ALA A 149 -15.72 42.37 1.77
C ALA A 149 -17.14 42.82 2.00
N LYS A 150 -17.40 44.09 1.68
CA LYS A 150 -18.73 44.66 1.78
C LYS A 150 -19.21 45.07 0.39
N VAL A 151 -20.39 44.60 0.01
CA VAL A 151 -21.00 44.92 -1.27
C VAL A 151 -22.37 45.55 -1.01
N GLN A 152 -22.51 46.80 -1.41
CA GLN A 152 -23.74 47.57 -1.23
C GLN A 152 -24.32 47.90 -2.59
N TRP A 153 -25.62 47.76 -2.70
CA TRP A 153 -26.34 48.13 -3.91
C TRP A 153 -27.00 49.48 -3.68
N LYS A 154 -26.96 50.32 -4.71
CA LYS A 154 -27.62 51.61 -4.73
C LYS A 154 -28.39 51.73 -6.03
N VAL A 155 -29.67 52.09 -5.91
CA VAL A 155 -30.55 52.28 -7.06
C VAL A 155 -30.96 53.76 -7.06
N ASP A 156 -30.51 54.51 -8.07
CA ASP A 156 -30.70 55.96 -8.12
C ASP A 156 -30.23 56.61 -6.82
N ASN A 157 -29.11 56.10 -6.30
CA ASN A 157 -28.44 56.53 -5.07
C ASN A 157 -29.22 56.18 -3.80
N ALA A 158 -30.25 55.33 -3.89
CA ALA A 158 -30.95 54.83 -2.70
C ALA A 158 -30.36 53.47 -2.33
N LEU A 159 -29.93 53.34 -1.08
CA LEU A 159 -29.34 52.09 -0.60
C LEU A 159 -30.41 50.99 -0.52
N GLN A 160 -30.09 49.82 -1.05
CA GLN A 160 -31.01 48.70 -1.10
C GLN A 160 -30.90 47.85 0.16
N SER A 161 -31.97 47.12 0.47
CA SER A 161 -31.98 46.20 1.60
C SER A 161 -32.93 45.06 1.32
N GLY A 162 -32.50 43.84 1.60
CA GLY A 162 -33.39 42.70 1.55
C GLY A 162 -33.68 42.13 0.19
N ASN A 163 -33.01 42.62 -0.86
CA ASN A 163 -33.31 42.16 -2.21
C ASN A 163 -32.05 41.69 -2.94
N SER A 164 -31.02 41.30 -2.20
CA SER A 164 -29.77 40.83 -2.79
C SER A 164 -29.22 39.66 -1.99
N GLN A 165 -28.50 38.77 -2.68
CA GLN A 165 -27.84 37.63 -2.07
C GLN A 165 -26.42 37.50 -2.58
N GLU A 166 -25.55 36.91 -1.75
CA GLU A 166 -24.14 36.75 -2.05
C GLU A 166 -23.78 35.27 -2.07
N SER A 167 -22.83 34.95 -2.94
CA SER A 167 -22.19 33.64 -2.98
C SER A 167 -20.69 33.85 -3.03
N VAL A 168 -19.95 33.09 -2.22
CA VAL A 168 -18.50 33.21 -2.11
C VAL A 168 -17.88 31.85 -2.39
N THR A 169 -16.88 31.83 -3.28
CA THR A 169 -16.15 30.59 -3.52
C THR A 169 -15.29 30.23 -2.33
N GLU A 170 -14.86 28.97 -2.30
CA GLU A 170 -13.87 28.57 -1.31
C GLU A 170 -12.48 29.02 -1.78
N GLN A 171 -11.58 29.19 -0.81
CA GLN A 171 -10.22 29.61 -1.11
C GLN A 171 -9.59 28.73 -2.18
N ASP A 172 -9.00 29.38 -3.18
CA ASP A 172 -8.46 28.70 -4.36
C ASP A 172 -7.24 27.85 -4.02
N SER A 173 -7.10 26.71 -4.71
CA SER A 173 -6.03 25.78 -4.41
C SER A 173 -4.68 26.20 -4.98
N LYS A 174 -4.65 27.20 -5.86
CA LYS A 174 -3.43 27.68 -6.49
C LYS A 174 -3.00 29.04 -5.94
N ASP A 175 -3.85 30.07 -6.08
CA ASP A 175 -3.48 31.43 -5.68
C ASP A 175 -4.02 31.82 -4.31
N SER A 176 -4.88 31.00 -3.69
CA SER A 176 -5.36 31.20 -2.32
C SER A 176 -6.33 32.38 -2.20
N THR A 177 -7.08 32.70 -3.25
CA THR A 177 -7.97 33.85 -3.23
C THR A 177 -9.43 33.41 -3.21
N TYR A 178 -10.31 34.40 -3.09
CA TYR A 178 -11.75 34.22 -3.11
C TYR A 178 -12.34 35.00 -4.28
N SER A 179 -13.50 34.56 -4.70
CA SER A 179 -14.34 35.34 -5.59
C SER A 179 -15.75 35.34 -5.02
N LEU A 180 -16.48 36.41 -5.32
CA LEU A 180 -17.75 36.69 -4.68
C LEU A 180 -18.69 37.26 -5.71
N SER A 181 -19.93 36.78 -5.69
CA SER A 181 -20.99 37.30 -6.54
C SER A 181 -22.12 37.81 -5.65
N SER A 182 -22.62 39.00 -5.98
CA SER A 182 -23.80 39.57 -5.33
C SER A 182 -24.86 39.83 -6.39
N THR A 183 -26.07 39.38 -6.12
CA THR A 183 -27.14 39.44 -7.11
C THR A 183 -28.32 40.23 -6.57
N LEU A 184 -28.65 41.33 -7.24
CA LEU A 184 -29.82 42.13 -6.95
C LEU A 184 -30.99 41.61 -7.80
N THR A 185 -32.11 41.29 -7.13
CA THR A 185 -33.29 40.72 -7.77
C THR A 185 -34.45 41.70 -7.64
N LEU A 186 -35.10 41.99 -8.78
CA LEU A 186 -36.21 42.94 -8.81
C LEU A 186 -37.20 42.50 -9.88
N SER A 187 -38.46 42.86 -9.67
CA SER A 187 -39.44 42.74 -10.75
C SER A 187 -38.98 43.57 -11.95
N LYS A 188 -39.40 43.16 -13.15
CA LYS A 188 -39.10 43.97 -14.33
C LYS A 188 -39.62 45.40 -14.16
N ALA A 189 -40.87 45.55 -13.70
CA ALA A 189 -41.47 46.88 -13.59
C ALA A 189 -40.68 47.76 -12.63
N ASP A 190 -40.28 47.22 -11.48
CA ASP A 190 -39.43 48.01 -10.59
C ASP A 190 -38.11 48.35 -11.24
N TYR A 191 -37.55 47.42 -12.03
CA TYR A 191 -36.27 47.68 -12.67
C TYR A 191 -36.39 48.82 -13.68
N GLU A 192 -37.50 48.87 -14.41
CA GLU A 192 -37.70 49.91 -15.42
C GLU A 192 -38.09 51.26 -14.82
N LYS A 193 -38.31 51.34 -13.51
CA LYS A 193 -38.67 52.61 -12.87
C LYS A 193 -37.45 53.45 -12.52
N HIS A 194 -36.24 52.89 -12.57
CA HIS A 194 -35.03 53.56 -12.11
C HIS A 194 -33.98 53.57 -13.20
N LYS A 195 -32.96 54.42 -13.02
CA LYS A 195 -31.99 54.71 -14.06
C LYS A 195 -30.59 54.18 -13.74
N VAL A 196 -30.02 54.60 -12.62
CA VAL A 196 -28.64 54.28 -12.25
C VAL A 196 -28.65 53.09 -11.29
N TYR A 197 -27.87 52.05 -11.63
CA TYR A 197 -27.67 50.87 -10.79
C TYR A 197 -26.19 50.77 -10.46
N ALA A 198 -25.86 50.81 -9.16
CA ALA A 198 -24.48 50.91 -8.71
C ALA A 198 -24.17 49.81 -7.70
N CYS A 199 -22.96 49.27 -7.80
CA CYS A 199 -22.43 48.27 -6.90
C CYS A 199 -21.21 48.89 -6.20
N GLU A 200 -21.31 49.11 -4.90
CA GLU A 200 -20.24 49.74 -4.12
C GLU A 200 -19.52 48.69 -3.29
N VAL A 201 -18.19 48.66 -3.40
CA VAL A 201 -17.38 47.58 -2.83
C VAL A 201 -16.38 48.18 -1.84
N THR A 202 -16.39 47.67 -0.62
CA THR A 202 -15.38 48.00 0.37
C THR A 202 -14.52 46.78 0.62
N HIS A 203 -13.21 46.94 0.49
CA HIS A 203 -12.25 45.86 0.70
C HIS A 203 -10.93 46.49 1.13
N GLN A 204 -10.17 45.74 1.95
CA GLN A 204 -8.91 46.27 2.45
C GLN A 204 -7.91 46.55 1.33
N GLY A 205 -8.04 45.87 0.19
CA GLY A 205 -7.08 46.06 -0.88
C GLY A 205 -7.31 47.30 -1.71
N LEU A 206 -8.55 47.79 -1.74
CA LEU A 206 -8.87 48.94 -2.57
C LEU A 206 -8.23 50.21 -2.02
N SER A 207 -8.00 51.17 -2.91
CA SER A 207 -7.47 52.44 -2.46
C SER A 207 -8.54 53.31 -1.80
N SER A 208 -9.80 52.91 -1.90
CA SER A 208 -10.97 53.53 -1.30
C SER A 208 -12.16 52.73 -1.84
N PRO A 209 -13.37 52.89 -1.29
CA PRO A 209 -14.52 52.14 -1.81
C PRO A 209 -14.73 52.42 -3.29
N VAL A 210 -14.97 51.34 -4.06
CA VAL A 210 -15.14 51.40 -5.51
C VAL A 210 -16.61 51.27 -5.85
N THR A 211 -17.04 52.02 -6.86
CA THR A 211 -18.39 51.93 -7.39
C THR A 211 -18.34 51.62 -8.89
N LYS A 212 -19.14 50.64 -9.31
CA LYS A 212 -19.36 50.29 -10.71
C LYS A 212 -20.84 50.52 -10.99
N SER A 213 -21.14 51.37 -11.99
CA SER A 213 -22.50 51.81 -12.26
C SER A 213 -22.84 51.58 -13.73
N PHE A 214 -24.14 51.53 -14.01
CA PHE A 214 -24.62 51.61 -15.38
C PHE A 214 -25.99 52.28 -15.40
N ASN A 215 -26.28 52.93 -16.52
CA ASN A 215 -27.59 53.53 -16.79
C ASN A 215 -28.41 52.54 -17.59
N ARG A 216 -29.59 52.20 -17.06
CA ARG A 216 -30.51 51.35 -17.81
C ARG A 216 -30.93 52.07 -19.11
N GLU B 1 -4.76 3.08 -14.01
CA GLU B 1 -5.35 4.14 -13.20
C GLU B 1 -6.66 3.66 -12.55
N VAL B 2 -6.79 3.89 -11.25
CA VAL B 2 -7.98 3.45 -10.54
C VAL B 2 -9.08 4.48 -10.74
N GLN B 3 -10.28 4.00 -11.04
CA GLN B 3 -11.44 4.86 -11.18
C GLN B 3 -12.62 4.20 -10.49
N LEU B 4 -13.41 5.03 -9.80
CA LEU B 4 -14.71 4.62 -9.26
C LEU B 4 -15.70 5.66 -9.74
N VAL B 5 -16.62 5.25 -10.61
CA VAL B 5 -17.55 6.18 -11.23
C VAL B 5 -18.96 5.85 -10.76
N GLU B 6 -19.55 6.76 -9.99
CA GLU B 6 -20.88 6.57 -9.43
C GLU B 6 -21.93 7.18 -10.35
N SER B 7 -23.15 6.66 -10.23
CA SER B 7 -24.28 7.23 -10.93
C SER B 7 -25.56 6.92 -10.17
N GLY B 8 -26.64 7.62 -10.56
CA GLY B 8 -27.96 7.39 -10.02
C GLY B 8 -28.42 8.41 -9.01
N GLY B 9 -27.58 9.39 -8.66
CA GLY B 9 -28.01 10.43 -7.75
C GLY B 9 -29.25 11.14 -8.24
N GLY B 10 -29.97 11.75 -7.31
CA GLY B 10 -31.12 12.53 -7.70
C GLY B 10 -32.08 12.73 -6.54
N LEU B 11 -33.29 13.14 -6.91
CA LEU B 11 -34.32 13.55 -5.97
C LEU B 11 -35.35 12.44 -5.79
N VAL B 12 -35.73 12.21 -4.55
CA VAL B 12 -36.82 11.30 -4.23
C VAL B 12 -37.55 11.88 -3.02
N GLN B 13 -38.86 11.67 -2.98
CA GLN B 13 -39.63 12.19 -1.85
C GLN B 13 -39.49 11.26 -0.64
N PRO B 14 -39.75 11.77 0.56
CA PRO B 14 -39.61 10.92 1.76
C PRO B 14 -40.52 9.70 1.69
N GLY B 15 -39.96 8.55 2.10
CA GLY B 15 -40.60 7.27 1.91
C GLY B 15 -40.27 6.59 0.59
N GLY B 16 -39.54 7.25 -0.30
CA GLY B 16 -39.22 6.70 -1.60
C GLY B 16 -37.93 5.89 -1.62
N SER B 17 -37.63 5.35 -2.79
CA SER B 17 -36.45 4.52 -2.96
C SER B 17 -35.59 5.03 -4.11
N LEU B 18 -34.28 4.84 -3.98
CA LEU B 18 -33.33 5.21 -5.01
C LEU B 18 -32.15 4.26 -4.95
N ARG B 19 -31.56 3.99 -6.11
CA ARG B 19 -30.49 3.02 -6.29
C ARG B 19 -29.25 3.71 -6.82
N LEU B 20 -28.15 3.64 -6.07
CA LEU B 20 -26.86 4.14 -6.50
C LEU B 20 -26.00 3.00 -7.05
N SER B 21 -25.14 3.33 -8.03
CA SER B 21 -24.21 2.38 -8.62
C SER B 21 -22.81 2.95 -8.63
N CYS B 22 -21.82 2.06 -8.55
CA CYS B 22 -20.41 2.44 -8.47
C CYS B 22 -19.59 1.49 -9.34
N ALA B 23 -19.11 1.98 -10.49
CA ALA B 23 -18.40 1.18 -11.47
C ALA B 23 -16.89 1.37 -11.31
N ALA B 24 -16.20 0.30 -10.94
CA ALA B 24 -14.77 0.30 -10.66
C ALA B 24 -13.97 -0.02 -11.92
N SER B 25 -12.68 0.33 -11.88
CA SER B 25 -11.68 0.00 -12.89
C SER B 25 -10.30 0.34 -12.35
N GLY B 26 -9.29 -0.40 -12.83
CA GLY B 26 -7.92 -0.12 -12.48
C GLY B 26 -7.35 -0.95 -11.33
N PHE B 27 -8.18 -1.75 -10.67
CA PHE B 27 -7.71 -2.65 -9.62
C PHE B 27 -8.56 -3.91 -9.66
N ILE B 28 -8.18 -4.89 -8.85
CA ILE B 28 -8.88 -6.18 -8.83
C ILE B 28 -10.07 -6.02 -7.89
N PHE B 29 -11.25 -5.80 -8.48
CA PHE B 29 -12.43 -5.46 -7.68
C PHE B 29 -12.83 -6.61 -6.76
N ARG B 30 -12.86 -7.83 -7.30
CA ARG B 30 -13.25 -9.01 -6.51
C ARG B 30 -12.43 -9.16 -5.24
N ASP B 31 -11.20 -8.64 -5.21
CA ASP B 31 -10.33 -8.80 -4.05
C ASP B 31 -10.40 -7.62 -3.09
N SER B 32 -11.35 -6.71 -3.26
CA SER B 32 -11.43 -5.49 -2.45
C SER B 32 -12.66 -5.54 -1.55
N TRP B 33 -12.45 -5.20 -0.27
CA TRP B 33 -13.54 -4.78 0.60
C TRP B 33 -14.04 -3.40 0.13
N MET B 34 -15.36 -3.29 -0.11
CA MET B 34 -15.94 -2.06 -0.65
C MET B 34 -16.92 -1.41 0.33
N THR B 35 -17.15 -0.11 0.15
CA THR B 35 -17.76 0.73 1.18
C THR B 35 -18.58 1.85 0.56
N TRP B 36 -19.67 2.21 1.24
CA TRP B 36 -20.41 3.46 0.98
C TRP B 36 -20.32 4.36 2.20
N VAL B 37 -19.86 5.59 1.99
CA VAL B 37 -19.96 6.63 3.00
C VAL B 37 -20.72 7.80 2.40
N ARG B 38 -21.14 8.72 3.26
CA ARG B 38 -21.92 9.86 2.80
C ARG B 38 -21.52 11.09 3.60
N GLN B 39 -21.78 12.25 3.00
CA GLN B 39 -21.47 13.55 3.59
C GLN B 39 -22.73 14.43 3.47
N ALA B 40 -23.33 14.78 4.60
CA ALA B 40 -24.45 15.68 4.60
C ALA B 40 -23.97 17.11 4.38
N PRO B 41 -24.83 17.99 3.84
CA PRO B 41 -24.40 19.36 3.54
C PRO B 41 -23.74 20.04 4.73
N GLY B 42 -22.55 20.61 4.49
CA GLY B 42 -21.83 21.35 5.50
C GLY B 42 -21.30 20.55 6.65
N LYS B 43 -21.35 19.22 6.59
CA LYS B 43 -20.86 18.36 7.67
C LYS B 43 -19.71 17.51 7.15
N GLY B 44 -19.24 16.61 8.02
CA GLY B 44 -18.18 15.70 7.68
C GLY B 44 -18.71 14.35 7.23
N PRO B 45 -17.82 13.47 6.80
CA PRO B 45 -18.26 12.15 6.34
C PRO B 45 -18.81 11.30 7.49
N GLU B 46 -19.64 10.33 7.11
CA GLU B 46 -20.16 9.34 8.04
C GLU B 46 -20.33 8.04 7.27
N TRP B 47 -20.14 6.93 7.97
CA TRP B 47 -20.28 5.61 7.37
C TRP B 47 -21.74 5.33 7.00
N VAL B 48 -21.93 4.47 6.00
CA VAL B 48 -23.26 4.00 5.63
C VAL B 48 -23.28 2.47 5.62
N ALA B 49 -22.47 1.84 4.78
CA ALA B 49 -22.48 0.38 4.64
C ALA B 49 -21.18 -0.08 3.99
N ASP B 50 -20.84 -1.34 4.23
CA ASP B 50 -19.71 -1.95 3.54
C ASP B 50 -19.96 -3.44 3.32
N ILE B 51 -19.18 -4.03 2.41
CA ILE B 51 -19.33 -5.41 2.00
C ILE B 51 -17.95 -5.99 1.72
N ASN B 52 -17.69 -7.18 2.28
CA ASN B 52 -16.38 -7.81 2.18
C ASN B 52 -16.25 -8.58 0.85
N GLN B 53 -15.19 -9.37 0.73
CA GLN B 53 -14.75 -9.86 -0.58
C GLN B 53 -15.74 -10.85 -1.19
N GLY B 54 -16.28 -11.77 -0.38
CA GLY B 54 -17.25 -12.69 -0.95
C GLY B 54 -18.67 -12.18 -1.00
N GLY B 55 -18.95 -11.06 -0.33
CA GLY B 55 -20.31 -10.63 -0.11
C GLY B 55 -20.99 -11.29 1.09
N SER B 56 -20.25 -12.06 1.88
CA SER B 56 -20.82 -12.80 3.00
C SER B 56 -21.05 -11.93 4.23
N HIS B 57 -20.36 -10.81 4.35
CA HIS B 57 -20.49 -9.91 5.50
C HIS B 57 -20.89 -8.54 4.99
N LYS B 58 -22.11 -8.12 5.34
CA LYS B 58 -22.64 -6.80 5.02
C LYS B 58 -22.87 -6.06 6.32
N TYR B 59 -22.20 -4.92 6.49
CA TYR B 59 -22.41 -4.06 7.64
C TYR B 59 -23.22 -2.82 7.24
N TYR B 60 -24.17 -2.46 8.09
CA TYR B 60 -24.97 -1.24 7.95
C TYR B 60 -24.93 -0.47 9.26
N VAL B 61 -24.77 0.86 9.20
CA VAL B 61 -24.95 1.66 10.40
C VAL B 61 -26.40 1.57 10.87
N ASP B 62 -26.62 1.91 12.14
CA ASP B 62 -27.93 1.71 12.75
C ASP B 62 -29.02 2.47 12.01
N SER B 63 -28.73 3.70 11.58
CA SER B 63 -29.75 4.56 10.99
C SER B 63 -30.30 4.01 9.69
N VAL B 64 -29.55 3.16 8.97
CA VAL B 64 -30.00 2.65 7.68
C VAL B 64 -30.32 1.17 7.71
N LYS B 65 -30.15 0.50 8.86
CA LYS B 65 -30.43 -0.93 8.98
C LYS B 65 -31.88 -1.23 8.62
N GLY B 66 -32.08 -2.21 7.74
CA GLY B 66 -33.41 -2.59 7.32
C GLY B 66 -34.02 -1.74 6.23
N ARG B 67 -33.39 -0.61 5.87
CA ARG B 67 -33.85 0.24 4.78
C ARG B 67 -32.93 0.24 3.57
N PHE B 68 -31.64 0.01 3.78
CA PHE B 68 -30.64 0.02 2.72
C PHE B 68 -30.14 -1.40 2.48
N THR B 69 -29.71 -1.65 1.25
CA THR B 69 -29.14 -2.93 0.86
C THR B 69 -27.90 -2.66 0.02
N ILE B 70 -26.75 -3.21 0.45
CA ILE B 70 -25.50 -3.15 -0.30
C ILE B 70 -25.30 -4.47 -1.03
N SER B 71 -24.79 -4.39 -2.26
CA SER B 71 -24.51 -5.58 -3.04
C SER B 71 -23.39 -5.27 -4.02
N ARG B 72 -22.82 -6.34 -4.58
CA ARG B 72 -21.75 -6.23 -5.56
C ARG B 72 -21.99 -7.23 -6.68
N ASP B 73 -21.52 -6.88 -7.88
CA ASP B 73 -21.37 -7.83 -8.98
C ASP B 73 -19.91 -7.79 -9.41
N ASP B 74 -19.15 -8.84 -9.06
CA ASP B 74 -17.72 -8.84 -9.34
C ASP B 74 -17.44 -8.85 -10.84
N ALA B 75 -18.18 -9.67 -11.60
CA ALA B 75 -17.94 -9.78 -13.05
C ALA B 75 -18.22 -8.48 -13.78
N LYS B 76 -18.99 -7.56 -13.19
CA LYS B 76 -19.18 -6.24 -13.75
C LYS B 76 -18.34 -5.17 -13.04
N ASN B 77 -17.61 -5.54 -12.00
CA ASN B 77 -16.83 -4.62 -11.18
C ASN B 77 -17.69 -3.46 -10.69
N SER B 78 -18.85 -3.81 -10.13
CA SER B 78 -19.87 -2.84 -9.76
C SER B 78 -20.30 -3.01 -8.30
N LEU B 79 -20.44 -1.88 -7.61
CA LEU B 79 -20.97 -1.81 -6.26
C LEU B 79 -22.28 -1.04 -6.29
N TYR B 80 -23.28 -1.55 -5.57
CA TYR B 80 -24.64 -1.02 -5.58
C TYR B 80 -25.06 -0.65 -4.16
N LEU B 81 -25.95 0.34 -4.07
CA LEU B 81 -26.63 0.65 -2.81
C LEU B 81 -28.10 0.91 -3.11
N GLN B 82 -28.96 0.00 -2.65
CA GLN B 82 -30.40 0.16 -2.79
C GLN B 82 -30.93 0.84 -1.54
N MET B 83 -31.51 2.02 -1.70
CA MET B 83 -32.04 2.77 -0.57
C MET B 83 -33.56 2.74 -0.65
N ASN B 84 -34.20 2.39 0.47
CA ASN B 84 -35.65 2.37 0.57
C ASN B 84 -36.08 3.19 1.79
N SER B 85 -37.37 3.55 1.81
CA SER B 85 -37.97 4.29 2.91
C SER B 85 -37.09 5.47 3.31
N LEU B 86 -36.71 6.28 2.33
CA LEU B 86 -35.71 7.30 2.55
C LEU B 86 -36.26 8.42 3.43
N ARG B 87 -35.39 8.98 4.27
CA ARG B 87 -35.74 10.12 5.11
C ARG B 87 -34.99 11.36 4.67
N ALA B 88 -35.48 12.53 5.09
CA ALA B 88 -34.78 13.77 4.75
C ALA B 88 -33.34 13.78 5.27
N GLU B 89 -33.10 13.16 6.42
CA GLU B 89 -31.76 13.07 7.01
C GLU B 89 -30.79 12.25 6.19
N ASP B 90 -31.28 11.50 5.20
CA ASP B 90 -30.42 10.75 4.30
C ASP B 90 -29.87 11.61 3.18
N THR B 91 -30.33 12.86 3.06
CA THR B 91 -29.79 13.77 2.04
C THR B 91 -28.29 13.94 2.24
N ALA B 92 -27.50 13.61 1.23
CA ALA B 92 -26.05 13.67 1.33
C ALA B 92 -25.43 13.45 -0.06
N VAL B 93 -24.14 13.75 -0.15
CA VAL B 93 -23.31 13.24 -1.23
C VAL B 93 -22.79 11.87 -0.80
N TYR B 94 -23.11 10.83 -1.58
CA TYR B 94 -22.73 9.47 -1.26
C TYR B 94 -21.45 9.13 -2.03
N TYR B 95 -20.48 8.56 -1.34
CA TYR B 95 -19.20 8.16 -1.92
C TYR B 95 -19.07 6.65 -1.81
N CYS B 96 -18.78 6.00 -2.93
CA CYS B 96 -18.26 4.64 -2.86
C CYS B 96 -16.76 4.69 -2.75
N ALA B 97 -16.19 3.73 -2.03
CA ALA B 97 -14.77 3.74 -1.75
C ALA B 97 -14.29 2.32 -1.50
N ARG B 98 -13.00 2.10 -1.78
CA ARG B 98 -12.33 0.84 -1.49
C ARG B 98 -11.73 0.90 -0.09
N ASP B 99 -11.93 -0.17 0.68
CA ASP B 99 -11.41 -0.25 2.05
C ASP B 99 -10.27 -1.26 2.14
N PRO B 100 -9.01 -0.81 2.09
CA PRO B 100 -7.90 -1.78 2.22
C PRO B 100 -7.80 -2.41 3.59
N GLU B 101 -8.05 -1.63 4.65
CA GLU B 101 -7.94 -2.13 6.03
C GLU B 101 -8.44 -1.09 7.02
N PHE B 102 -9.51 -1.45 7.75
CA PHE B 102 -9.95 -0.74 8.94
C PHE B 102 -10.30 0.72 8.65
N GLY B 103 -11.05 0.93 7.56
CA GLY B 103 -11.59 2.24 7.28
C GLY B 103 -10.64 3.23 6.64
N ALA B 104 -9.42 2.81 6.31
CA ALA B 104 -8.43 3.68 5.67
C ALA B 104 -8.69 3.76 4.15
N LEU B 105 -9.85 4.30 3.81
CA LEU B 105 -10.31 4.32 2.42
C LEU B 105 -9.28 5.03 1.53
N ASP B 106 -8.80 4.32 0.50
CA ASP B 106 -7.75 4.86 -0.35
C ASP B 106 -8.20 5.25 -1.75
N TYR B 107 -9.24 4.62 -2.29
CA TYR B 107 -9.82 5.01 -3.57
C TYR B 107 -11.27 5.43 -3.37
N TRP B 108 -11.66 6.58 -3.94
CA TRP B 108 -12.96 7.20 -3.73
C TRP B 108 -13.61 7.52 -5.08
N GLY B 109 -14.93 7.35 -5.14
CA GLY B 109 -15.70 7.85 -6.26
C GLY B 109 -15.79 9.37 -6.27
N GLN B 110 -16.45 9.88 -7.31
CA GLN B 110 -16.60 11.33 -7.45
C GLN B 110 -17.77 11.89 -6.66
N GLY B 111 -18.65 11.04 -6.12
CA GLY B 111 -19.77 11.50 -5.33
C GLY B 111 -21.07 11.50 -6.11
N ALA B 112 -22.17 11.22 -5.41
CA ALA B 112 -23.50 11.28 -5.99
C ALA B 112 -24.42 11.95 -4.99
N LEU B 113 -25.05 13.04 -5.40
CA LEU B 113 -25.93 13.78 -4.52
C LEU B 113 -27.31 13.15 -4.53
N VAL B 114 -27.74 12.65 -3.38
CA VAL B 114 -29.10 12.18 -3.19
C VAL B 114 -29.83 13.25 -2.38
N THR B 115 -30.88 13.82 -2.96
CA THR B 115 -31.75 14.76 -2.26
C THR B 115 -33.06 14.08 -1.89
N VAL B 116 -33.43 14.12 -0.63
CA VAL B 116 -34.70 13.59 -0.16
C VAL B 116 -35.60 14.77 0.25
N SER B 117 -36.60 15.05 -0.57
CA SER B 117 -37.40 16.26 -0.46
C SER B 117 -38.66 16.06 -1.30
N SER B 118 -39.76 16.66 -0.84
CA SER B 118 -41.04 16.54 -1.53
C SER B 118 -41.25 17.60 -2.61
N ALA B 119 -40.43 18.65 -2.65
CA ALA B 119 -40.62 19.71 -3.63
C ALA B 119 -40.40 19.20 -5.06
N SER B 120 -40.94 19.95 -6.02
CA SER B 120 -40.95 19.54 -7.41
C SER B 120 -39.59 19.76 -8.06
N THR B 121 -39.32 18.93 -9.07
CA THR B 121 -38.16 19.15 -9.93
C THR B 121 -38.39 20.31 -10.90
N LYS B 122 -37.48 21.28 -10.90
CA LYS B 122 -37.58 22.42 -11.82
C LYS B 122 -36.26 22.58 -12.56
N GLY B 123 -36.32 22.55 -13.88
CA GLY B 123 -35.16 22.81 -14.70
C GLY B 123 -34.79 24.28 -14.73
N PRO B 124 -33.50 24.56 -14.88
CA PRO B 124 -33.04 25.95 -14.81
C PRO B 124 -33.39 26.75 -16.06
N SER B 125 -33.31 28.07 -15.90
CA SER B 125 -33.25 29.01 -17.00
C SER B 125 -31.83 29.56 -17.08
N VAL B 126 -31.27 29.59 -18.29
CA VAL B 126 -29.91 30.07 -18.51
C VAL B 126 -29.98 31.40 -19.25
N PHE B 127 -29.42 32.44 -18.63
CA PHE B 127 -29.31 33.77 -19.21
C PHE B 127 -27.84 34.12 -19.37
N PRO B 128 -27.48 34.87 -20.40
CA PRO B 128 -26.08 35.30 -20.55
C PRO B 128 -25.79 36.47 -19.62
N LEU B 129 -24.54 36.50 -19.13
CA LEU B 129 -23.97 37.69 -18.51
C LEU B 129 -23.00 38.26 -19.54
N ALA B 130 -23.49 39.20 -20.34
CA ALA B 130 -22.76 39.62 -21.53
C ALA B 130 -21.58 40.52 -21.17
N PRO B 131 -20.45 40.38 -21.85
CA PRO B 131 -19.34 41.34 -21.64
C PRO B 131 -19.65 42.69 -22.27
N SER B 132 -19.25 43.76 -21.57
CA SER B 132 -19.44 45.15 -22.04
C SER B 132 -18.43 46.04 -21.31
N SER B 133 -18.51 47.36 -21.54
CA SER B 133 -17.64 48.28 -20.80
C SER B 133 -17.83 48.17 -19.30
N LYS B 134 -18.97 47.67 -18.84
CA LYS B 134 -19.21 47.57 -17.40
C LYS B 134 -18.69 46.28 -16.80
N SER B 135 -18.44 45.26 -17.62
CA SER B 135 -17.72 44.06 -17.20
C SER B 135 -16.28 44.06 -17.70
N THR B 136 -15.69 45.25 -17.80
CA THR B 136 -14.28 45.42 -18.14
C THR B 136 -13.55 45.86 -16.87
N SER B 137 -12.35 45.33 -16.68
CA SER B 137 -11.47 45.72 -15.57
C SER B 137 -10.05 45.72 -16.12
N GLY B 138 -9.52 46.92 -16.42
CA GLY B 138 -8.23 47.00 -17.07
C GLY B 138 -8.34 46.40 -18.46
N GLY B 139 -7.35 45.58 -18.81
CA GLY B 139 -7.31 44.88 -20.08
C GLY B 139 -8.12 43.61 -20.16
N THR B 140 -8.99 43.37 -19.18
CA THR B 140 -9.70 42.10 -19.10
C THR B 140 -11.22 42.33 -19.12
N ALA B 141 -11.93 41.36 -19.67
CA ALA B 141 -13.39 41.34 -19.67
C ALA B 141 -13.87 40.11 -18.91
N ALA B 142 -15.01 40.25 -18.24
CA ALA B 142 -15.67 39.14 -17.58
C ALA B 142 -16.99 38.89 -18.29
N LEU B 143 -17.27 37.62 -18.56
CA LEU B 143 -18.55 37.20 -19.08
C LEU B 143 -18.96 35.96 -18.30
N GLY B 144 -20.22 35.56 -18.47
CA GLY B 144 -20.69 34.43 -17.71
C GLY B 144 -22.06 33.96 -18.15
N CYS B 145 -22.63 33.10 -17.32
CA CYS B 145 -23.95 32.52 -17.50
C CYS B 145 -24.67 32.55 -16.16
N LEU B 146 -25.94 32.94 -16.17
CA LEU B 146 -26.77 32.95 -14.97
C LEU B 146 -27.73 31.77 -15.06
N VAL B 147 -27.56 30.81 -14.14
CA VAL B 147 -28.32 29.56 -14.09
C VAL B 147 -29.32 29.71 -12.95
N LYS B 148 -30.57 30.03 -13.27
CA LYS B 148 -31.53 30.55 -12.31
C LYS B 148 -32.73 29.64 -12.17
N ASP B 149 -33.19 29.47 -10.92
CA ASP B 149 -34.47 28.82 -10.57
C ASP B 149 -34.48 27.35 -11.00
N TYR B 150 -33.65 26.56 -10.32
CA TYR B 150 -33.65 25.12 -10.55
C TYR B 150 -33.77 24.40 -9.21
N PHE B 151 -34.19 23.14 -9.28
CA PHE B 151 -34.30 22.26 -8.12
C PHE B 151 -34.36 20.82 -8.60
N PRO B 152 -33.62 19.90 -7.98
CA PRO B 152 -32.70 20.21 -6.89
C PRO B 152 -31.30 20.52 -7.40
N GLU B 153 -30.35 20.62 -6.47
CA GLU B 153 -28.96 20.54 -6.85
C GLU B 153 -28.67 19.13 -7.38
N PRO B 154 -27.61 18.97 -8.18
CA PRO B 154 -26.63 19.95 -8.64
C PRO B 154 -26.82 20.38 -10.10
N VAL B 155 -26.25 21.51 -10.47
CA VAL B 155 -25.99 21.79 -11.88
C VAL B 155 -24.47 21.82 -12.07
N THR B 156 -24.04 21.38 -13.24
CA THR B 156 -22.66 21.51 -13.67
C THR B 156 -22.58 22.51 -14.81
N VAL B 157 -21.48 23.28 -14.84
CA VAL B 157 -21.23 24.23 -15.90
C VAL B 157 -19.80 24.03 -16.41
N SER B 158 -19.63 23.93 -17.72
CA SER B 158 -18.33 23.96 -18.36
C SER B 158 -18.38 24.99 -19.48
N TRP B 159 -17.20 25.38 -19.97
CA TRP B 159 -17.08 26.40 -21.00
C TRP B 159 -16.44 25.80 -22.24
N ASN B 160 -17.05 26.07 -23.39
CA ASN B 160 -16.60 25.52 -24.67
C ASN B 160 -16.30 24.03 -24.54
N SER B 161 -17.23 23.29 -23.93
CA SER B 161 -17.15 21.84 -23.78
C SER B 161 -15.88 21.40 -23.05
N GLY B 162 -15.42 22.22 -22.10
CA GLY B 162 -14.31 21.85 -21.25
C GLY B 162 -12.96 22.36 -21.70
N ALA B 163 -12.83 22.84 -22.94
CA ALA B 163 -11.54 23.34 -23.43
C ALA B 163 -11.14 24.64 -22.74
N LEU B 164 -12.09 25.43 -22.23
CA LEU B 164 -11.78 26.69 -21.58
C LEU B 164 -11.92 26.50 -20.07
N THR B 165 -10.80 26.60 -19.35
CA THR B 165 -10.79 26.43 -17.91
C THR B 165 -10.03 27.53 -17.17
N SER B 166 -9.15 28.25 -17.84
CA SER B 166 -8.36 29.29 -17.16
C SER B 166 -9.23 30.49 -16.86
N GLY B 167 -9.17 30.98 -15.63
CA GLY B 167 -10.00 32.10 -15.21
C GLY B 167 -11.43 31.78 -14.87
N VAL B 168 -11.82 30.51 -14.83
CA VAL B 168 -13.21 30.14 -14.62
C VAL B 168 -13.50 30.08 -13.13
N HIS B 169 -14.65 30.65 -12.74
CA HIS B 169 -15.19 30.53 -11.38
C HIS B 169 -16.66 30.21 -11.51
N THR B 170 -17.07 29.04 -11.02
CA THR B 170 -18.47 28.67 -10.95
C THR B 170 -18.85 28.72 -9.48
N PHE B 171 -19.78 29.62 -9.14
CA PHE B 171 -20.08 29.88 -7.73
C PHE B 171 -20.97 28.79 -7.15
N PRO B 172 -20.87 28.55 -5.85
CA PRO B 172 -21.82 27.64 -5.20
C PRO B 172 -23.25 28.17 -5.29
N ALA B 173 -24.19 27.23 -5.34
CA ALA B 173 -25.59 27.56 -5.48
C ALA B 173 -26.10 28.30 -4.24
N VAL B 174 -27.04 29.20 -4.48
CA VAL B 174 -27.66 30.00 -3.43
C VAL B 174 -29.12 29.57 -3.32
N LEU B 175 -29.58 29.32 -2.09
CA LEU B 175 -30.99 29.06 -1.85
C LEU B 175 -31.75 30.38 -1.91
N GLN B 176 -32.62 30.52 -2.90
CA GLN B 176 -33.41 31.74 -3.02
C GLN B 176 -34.63 31.68 -2.10
N SER B 177 -35.27 32.84 -1.93
CA SER B 177 -36.45 32.93 -1.06
C SER B 177 -37.58 32.03 -1.52
N SER B 178 -37.70 31.82 -2.84
CA SER B 178 -38.70 30.94 -3.41
C SER B 178 -38.46 29.47 -3.09
N GLY B 179 -37.30 29.13 -2.53
CA GLY B 179 -36.95 27.75 -2.32
C GLY B 179 -36.19 27.11 -3.46
N LEU B 180 -36.05 27.79 -4.59
CA LEU B 180 -35.25 27.29 -5.71
C LEU B 180 -33.82 27.78 -5.60
N TYR B 181 -32.91 27.12 -6.32
CA TYR B 181 -31.50 27.45 -6.31
C TYR B 181 -31.13 28.31 -7.50
N SER B 182 -30.01 29.02 -7.35
CA SER B 182 -29.47 29.84 -8.42
C SER B 182 -27.95 29.91 -8.27
N LEU B 183 -27.26 29.99 -9.41
CA LEU B 183 -25.81 30.19 -9.38
C LEU B 183 -25.37 30.87 -10.67
N SER B 184 -24.18 31.47 -10.60
CA SER B 184 -23.52 32.04 -11.78
C SER B 184 -22.19 31.34 -12.02
N SER B 185 -21.79 31.32 -13.28
CA SER B 185 -20.45 30.90 -13.69
C SER B 185 -19.86 32.00 -14.57
N VAL B 186 -18.64 32.44 -14.25
CA VAL B 186 -17.99 33.57 -14.92
C VAL B 186 -16.59 33.16 -15.34
N VAL B 187 -16.08 33.83 -16.37
CA VAL B 187 -14.72 33.61 -16.86
C VAL B 187 -14.11 34.96 -17.22
N THR B 188 -12.84 35.16 -16.86
CA THR B 188 -12.13 36.38 -17.22
C THR B 188 -11.24 36.10 -18.43
N VAL B 189 -11.41 36.89 -19.48
CA VAL B 189 -10.63 36.73 -20.71
C VAL B 189 -10.05 38.08 -21.10
N PRO B 190 -9.00 38.10 -21.91
CA PRO B 190 -8.51 39.38 -22.45
C PRO B 190 -9.59 40.06 -23.28
N SER B 191 -9.80 41.36 -23.03
CA SER B 191 -10.86 42.03 -23.77
C SER B 191 -10.55 42.10 -25.26
N SER B 192 -9.28 41.94 -25.64
CA SER B 192 -8.91 41.90 -27.06
C SER B 192 -9.53 40.71 -27.79
N SER B 193 -9.82 39.63 -27.07
CA SER B 193 -10.34 38.42 -27.69
C SER B 193 -11.84 38.46 -27.93
N LEU B 194 -12.54 39.47 -27.41
CA LEU B 194 -13.96 39.60 -27.68
C LEU B 194 -14.20 39.76 -29.18
N GLY B 195 -15.30 39.16 -29.66
CA GLY B 195 -15.63 39.27 -31.07
C GLY B 195 -14.77 38.40 -31.97
N THR B 196 -13.61 37.97 -31.47
CA THR B 196 -12.80 36.97 -32.13
C THR B 196 -13.15 35.57 -31.65
N GLN B 197 -13.07 35.34 -30.34
CA GLN B 197 -13.22 34.03 -29.74
C GLN B 197 -14.66 33.80 -29.30
N THR B 198 -15.18 32.61 -29.58
CA THR B 198 -16.53 32.22 -29.17
C THR B 198 -16.54 31.70 -27.74
N TYR B 199 -17.58 32.06 -26.99
CA TYR B 199 -17.73 31.59 -25.62
C TYR B 199 -19.10 30.97 -25.43
N ILE B 200 -19.13 29.71 -25.05
CA ILE B 200 -20.36 28.96 -24.85
C ILE B 200 -20.29 28.33 -23.46
N CYS B 201 -21.34 28.49 -22.66
CA CYS B 201 -21.43 27.75 -21.39
C CYS B 201 -22.33 26.54 -21.58
N ASN B 202 -21.90 25.41 -21.04
CA ASN B 202 -22.59 24.13 -21.13
C ASN B 202 -23.21 23.86 -19.77
N VAL B 203 -24.52 24.00 -19.66
CA VAL B 203 -25.21 23.82 -18.39
C VAL B 203 -25.92 22.48 -18.41
N ASN B 204 -25.69 21.68 -17.36
CA ASN B 204 -26.30 20.37 -17.26
C ASN B 204 -27.01 20.29 -15.93
N HIS B 205 -28.30 19.97 -15.97
CA HIS B 205 -29.11 19.73 -14.78
C HIS B 205 -29.79 18.38 -15.00
N LYS B 206 -29.10 17.30 -14.61
CA LYS B 206 -29.62 15.95 -14.81
C LYS B 206 -30.99 15.67 -14.20
N PRO B 207 -31.31 16.09 -12.97
CA PRO B 207 -32.63 15.77 -12.40
C PRO B 207 -33.79 16.09 -13.31
N SER B 208 -33.67 17.13 -14.14
CA SER B 208 -34.71 17.49 -15.09
C SER B 208 -34.30 17.20 -16.52
N ASN B 209 -33.20 16.49 -16.74
CA ASN B 209 -32.64 16.20 -18.06
C ASN B 209 -32.61 17.47 -18.91
N THR B 210 -31.90 18.46 -18.40
CA THR B 210 -31.68 19.72 -19.09
C THR B 210 -30.20 19.86 -19.42
N LYS B 211 -29.89 19.92 -20.71
CA LYS B 211 -28.56 20.23 -21.21
C LYS B 211 -28.67 21.43 -22.13
N VAL B 212 -27.98 22.51 -21.80
CA VAL B 212 -28.08 23.75 -22.56
C VAL B 212 -26.68 24.22 -22.94
N ASP B 213 -26.55 24.70 -24.17
CA ASP B 213 -25.32 25.33 -24.68
C ASP B 213 -25.66 26.77 -25.07
N LYS B 214 -25.29 27.72 -24.22
CA LYS B 214 -25.68 29.12 -24.38
C LYS B 214 -24.47 29.93 -24.87
N LYS B 215 -24.57 30.46 -26.07
CA LYS B 215 -23.52 31.32 -26.60
C LYS B 215 -23.64 32.68 -25.96
N VAL B 216 -22.56 33.15 -25.34
CA VAL B 216 -22.55 34.43 -24.63
C VAL B 216 -21.79 35.43 -25.49
N GLU B 217 -22.49 36.46 -25.94
CA GLU B 217 -21.97 37.43 -26.91
C GLU B 217 -21.91 38.83 -26.30
N PRO B 218 -21.02 39.70 -26.80
CA PRO B 218 -21.05 41.12 -26.45
C PRO B 218 -22.04 41.91 -27.28
N GLU C 1 -5.29 -13.13 -4.28
CA GLU C 1 -3.95 -13.44 -3.80
C GLU C 1 -2.91 -13.13 -4.88
N VAL C 2 -1.92 -12.32 -4.51
CA VAL C 2 -0.84 -11.97 -5.43
C VAL C 2 0.19 -13.09 -5.43
N GLN C 3 0.43 -13.67 -6.60
CA GLN C 3 1.40 -14.73 -6.82
C GLN C 3 2.38 -14.29 -7.88
N LEU C 4 3.66 -14.52 -7.63
CA LEU C 4 4.71 -14.40 -8.64
C LEU C 4 5.40 -15.75 -8.71
N VAL C 5 5.31 -16.40 -9.87
CA VAL C 5 5.74 -17.79 -10.03
C VAL C 5 6.91 -17.82 -11.00
N GLU C 6 8.10 -18.13 -10.49
CA GLU C 6 9.32 -18.15 -11.28
C GLU C 6 9.59 -19.53 -11.87
N SER C 7 10.22 -19.54 -13.04
CA SER C 7 10.59 -20.76 -13.72
C SER C 7 11.85 -20.53 -14.53
N GLY C 8 12.53 -21.61 -14.89
CA GLY C 8 13.71 -21.55 -15.72
C GLY C 8 15.04 -21.73 -15.00
N GLY C 9 15.03 -21.90 -13.67
CA GLY C 9 16.29 -22.07 -12.96
C GLY C 9 16.99 -23.36 -13.35
N GLY C 10 18.32 -23.34 -13.27
CA GLY C 10 19.08 -24.54 -13.50
C GLY C 10 20.55 -24.26 -13.68
N LEU C 11 21.24 -25.29 -14.16
CA LEU C 11 22.69 -25.27 -14.33
C LEU C 11 23.04 -24.94 -15.77
N VAL C 12 24.08 -24.13 -15.96
CA VAL C 12 24.53 -23.76 -17.30
C VAL C 12 26.05 -23.61 -17.27
N GLN C 13 26.68 -23.88 -18.41
CA GLN C 13 28.13 -23.72 -18.55
C GLN C 13 28.52 -22.25 -18.56
N PRO C 14 29.73 -21.91 -18.07
CA PRO C 14 30.22 -20.53 -18.24
C PRO C 14 30.24 -20.14 -19.71
N GLY C 15 29.68 -18.96 -20.00
CA GLY C 15 29.50 -18.53 -21.36
C GLY C 15 28.19 -18.92 -21.97
N GLY C 16 27.37 -19.71 -21.25
CA GLY C 16 26.08 -20.12 -21.74
C GLY C 16 24.99 -19.10 -21.49
N SER C 17 23.79 -19.44 -21.92
CA SER C 17 22.64 -18.56 -21.75
C SER C 17 21.51 -19.30 -21.04
N LEU C 18 20.59 -18.51 -20.49
CA LEU C 18 19.44 -19.01 -19.74
C LEU C 18 18.43 -17.88 -19.61
N ARG C 19 17.15 -18.22 -19.75
CA ARG C 19 16.06 -17.25 -19.63
C ARG C 19 15.20 -17.59 -18.43
N LEU C 20 15.09 -16.65 -17.49
CA LEU C 20 14.16 -16.81 -16.38
C LEU C 20 12.82 -16.20 -16.73
N SER C 21 11.77 -16.75 -16.13
CA SER C 21 10.41 -16.29 -16.34
C SER C 21 9.72 -16.08 -15.01
N CYS C 22 8.72 -15.20 -15.01
CA CYS C 22 8.00 -14.85 -13.79
C CYS C 22 6.57 -14.55 -14.18
N ALA C 23 5.64 -15.45 -13.85
CA ALA C 23 4.23 -15.32 -14.19
C ALA C 23 3.47 -14.72 -13.02
N ALA C 24 2.76 -13.62 -13.28
CA ALA C 24 2.10 -12.85 -12.24
C ALA C 24 0.59 -13.13 -12.23
N SER C 25 0.01 -13.07 -11.03
CA SER C 25 -1.43 -13.13 -10.87
C SER C 25 -1.82 -12.38 -9.59
N GLY C 26 -3.04 -11.85 -9.58
CA GLY C 26 -3.58 -11.22 -8.39
C GLY C 26 -3.41 -9.72 -8.33
N PHE C 27 -2.81 -9.12 -9.34
CA PHE C 27 -2.72 -7.67 -9.43
C PHE C 27 -2.71 -7.31 -10.91
N ILE C 28 -2.89 -6.02 -11.20
CA ILE C 28 -2.90 -5.52 -12.57
C ILE C 28 -1.44 -5.40 -13.01
N PHE C 29 -0.99 -6.34 -13.84
CA PHE C 29 0.44 -6.45 -14.15
C PHE C 29 0.93 -5.22 -14.90
N ARG C 30 0.26 -4.85 -16.00
CA ARG C 30 0.73 -3.77 -16.86
C ARG C 30 0.87 -2.44 -16.12
N ASP C 31 0.24 -2.30 -14.95
CA ASP C 31 0.32 -1.08 -14.17
C ASP C 31 1.44 -1.12 -13.12
N SER C 32 2.30 -2.13 -13.15
CA SER C 32 3.33 -2.30 -12.13
C SER C 32 4.72 -2.21 -12.75
N TRP C 33 5.58 -1.43 -12.10
CA TRP C 33 7.02 -1.53 -12.30
C TRP C 33 7.53 -2.85 -11.72
N MET C 34 8.32 -3.59 -12.51
CA MET C 34 8.78 -4.92 -12.14
C MET C 34 10.30 -4.95 -12.03
N THR C 35 10.80 -5.92 -11.28
CA THR C 35 12.21 -5.95 -10.90
C THR C 35 12.72 -7.38 -10.83
N TRP C 36 13.99 -7.56 -11.18
CA TRP C 36 14.75 -8.76 -10.87
C TRP C 36 15.87 -8.39 -9.91
N VAL C 37 15.98 -9.14 -8.80
CA VAL C 37 17.16 -9.04 -7.95
C VAL C 37 17.74 -10.44 -7.81
N ARG C 38 18.88 -10.55 -7.14
CA ARG C 38 19.50 -11.85 -6.98
C ARG C 38 20.28 -11.87 -5.67
N GLN C 39 20.51 -13.09 -5.19
CA GLN C 39 21.20 -13.33 -3.93
C GLN C 39 22.21 -14.44 -4.16
N ALA C 40 23.49 -14.10 -4.08
CA ALA C 40 24.58 -15.05 -4.16
C ALA C 40 24.65 -15.88 -2.88
N PRO C 41 25.20 -17.10 -2.94
CA PRO C 41 25.16 -17.99 -1.77
C PRO C 41 25.81 -17.36 -0.54
N GLY C 42 25.09 -17.39 0.58
CA GLY C 42 25.58 -16.81 1.82
C GLY C 42 25.68 -15.29 1.83
N LYS C 43 25.20 -14.60 0.81
CA LYS C 43 25.31 -13.15 0.72
C LYS C 43 23.92 -12.51 0.76
N GLY C 44 23.90 -11.18 0.73
CA GLY C 44 22.66 -10.43 0.74
C GLY C 44 22.17 -10.17 -0.66
N PRO C 45 20.93 -9.69 -0.79
CA PRO C 45 20.38 -9.43 -2.12
C PRO C 45 21.12 -8.29 -2.81
N GLU C 46 21.05 -8.28 -4.14
CA GLU C 46 21.54 -7.16 -4.93
C GLU C 46 20.66 -6.98 -6.17
N TRP C 47 20.62 -5.74 -6.66
CA TRP C 47 19.79 -5.39 -7.80
C TRP C 47 20.34 -5.99 -9.09
N VAL C 48 19.46 -6.32 -10.01
CA VAL C 48 19.90 -6.82 -11.31
C VAL C 48 19.33 -5.96 -12.44
N ALA C 49 18.00 -5.86 -12.50
CA ALA C 49 17.35 -5.13 -13.58
C ALA C 49 15.92 -4.78 -13.16
N ASP C 50 15.40 -3.69 -13.74
CA ASP C 50 13.98 -3.39 -13.58
C ASP C 50 13.44 -2.74 -14.85
N ILE C 51 12.11 -2.80 -14.99
CA ILE C 51 11.43 -2.37 -16.21
C ILE C 51 10.13 -1.67 -15.81
N ASN C 52 9.90 -0.47 -16.35
CA ASN C 52 8.74 0.32 -15.94
C ASN C 52 7.50 -0.13 -16.72
N GLN C 53 6.38 0.57 -16.51
CA GLN C 53 5.07 0.08 -16.94
C GLN C 53 4.98 -0.10 -18.46
N GLY C 54 5.60 0.80 -19.23
CA GLY C 54 5.52 0.68 -20.67
C GLY C 54 6.69 -0.02 -21.32
N GLY C 55 7.78 -0.21 -20.57
CA GLY C 55 9.00 -0.77 -21.09
C GLY C 55 9.94 0.24 -21.71
N SER C 56 9.63 1.54 -21.61
CA SER C 56 10.46 2.59 -22.16
C SER C 56 11.67 2.89 -21.28
N HIS C 57 11.66 2.45 -20.03
CA HIS C 57 12.81 2.53 -19.15
C HIS C 57 13.20 1.11 -18.73
N LYS C 58 14.41 0.69 -19.08
CA LYS C 58 14.99 -0.56 -18.61
C LYS C 58 16.32 -0.22 -17.94
N TYR C 59 16.49 -0.65 -16.70
CA TYR C 59 17.70 -0.42 -15.94
C TYR C 59 18.42 -1.75 -15.73
N TYR C 60 19.75 -1.71 -15.85
CA TYR C 60 20.62 -2.84 -15.54
C TYR C 60 21.80 -2.34 -14.71
N VAL C 61 22.15 -3.08 -13.65
CA VAL C 61 23.38 -2.78 -12.93
C VAL C 61 24.58 -2.95 -13.86
N ASP C 62 25.68 -2.28 -13.51
CA ASP C 62 26.87 -2.27 -14.35
C ASP C 62 27.34 -3.69 -14.67
N SER C 63 27.31 -4.60 -13.70
CA SER C 63 27.92 -5.91 -13.88
C SER C 63 27.21 -6.78 -14.91
N VAL C 64 25.95 -6.47 -15.24
CA VAL C 64 25.18 -7.29 -16.17
C VAL C 64 24.82 -6.54 -17.45
N LYS C 65 25.02 -5.23 -17.51
CA LYS C 65 24.67 -4.45 -18.68
C LYS C 65 25.42 -4.94 -19.92
N GLY C 66 24.68 -5.25 -20.98
CA GLY C 66 25.23 -5.79 -22.21
C GLY C 66 24.99 -7.27 -22.38
N ARG C 67 24.97 -8.03 -21.28
CA ARG C 67 24.73 -9.46 -21.33
C ARG C 67 23.31 -9.86 -20.94
N PHE C 68 22.66 -9.09 -20.07
CA PHE C 68 21.29 -9.38 -19.64
C PHE C 68 20.29 -8.49 -20.38
N THR C 69 19.08 -9.03 -20.60
CA THR C 69 17.99 -8.28 -21.23
C THR C 69 16.68 -8.55 -20.49
N ILE C 70 16.07 -7.51 -19.95
CA ILE C 70 14.80 -7.64 -19.24
C ILE C 70 13.66 -7.29 -20.19
N SER C 71 12.55 -8.02 -20.07
CA SER C 71 11.41 -7.79 -20.95
C SER C 71 10.13 -8.16 -20.20
N ARG C 72 9.00 -7.68 -20.73
CA ARG C 72 7.71 -7.98 -20.11
C ARG C 72 6.65 -8.19 -21.19
N ASP C 73 5.79 -9.18 -20.98
CA ASP C 73 4.63 -9.42 -21.85
C ASP C 73 3.37 -9.18 -21.02
N ASP C 74 2.76 -8.01 -21.21
CA ASP C 74 1.65 -7.61 -20.36
C ASP C 74 0.41 -8.47 -20.59
N ALA C 75 0.16 -8.87 -21.84
CA ALA C 75 -1.00 -9.72 -22.14
C ALA C 75 -0.87 -11.09 -21.51
N LYS C 76 0.37 -11.58 -21.31
CA LYS C 76 0.62 -12.85 -20.67
C LYS C 76 0.85 -12.73 -19.17
N ASN C 77 0.96 -11.50 -18.65
CA ASN C 77 1.29 -11.24 -17.24
C ASN C 77 2.63 -11.89 -16.88
N SER C 78 3.64 -11.63 -17.70
CA SER C 78 4.90 -12.35 -17.62
C SER C 78 6.08 -11.40 -17.63
N LEU C 79 7.06 -11.68 -16.78
CA LEU C 79 8.31 -10.95 -16.72
C LEU C 79 9.44 -11.91 -17.05
N TYR C 80 10.33 -11.51 -17.96
CA TYR C 80 11.44 -12.35 -18.38
C TYR C 80 12.76 -11.66 -18.10
N LEU C 81 13.81 -12.47 -17.95
CA LEU C 81 15.19 -11.99 -17.90
C LEU C 81 16.05 -12.91 -18.75
N GLN C 82 16.51 -12.40 -19.90
CA GLN C 82 17.40 -13.18 -20.77
C GLN C 82 18.83 -12.94 -20.32
N MET C 83 19.51 -14.00 -19.89
CA MET C 83 20.90 -13.94 -19.43
C MET C 83 21.79 -14.61 -20.46
N ASN C 84 22.74 -13.85 -21.02
CA ASN C 84 23.71 -14.36 -21.96
C ASN C 84 25.11 -14.18 -21.39
N SER C 85 26.08 -14.87 -22.00
CA SER C 85 27.49 -14.81 -21.59
C SER C 85 27.63 -14.97 -20.08
N LEU C 86 27.01 -16.02 -19.55
CA LEU C 86 26.95 -16.18 -18.10
C LEU C 86 28.33 -16.43 -17.52
N ARG C 87 28.59 -15.80 -16.37
CA ARG C 87 29.84 -15.96 -15.63
C ARG C 87 29.55 -16.65 -14.31
N ALA C 88 30.60 -17.25 -13.74
CA ALA C 88 30.47 -17.99 -12.49
C ALA C 88 29.90 -17.13 -11.37
N GLU C 89 30.26 -15.84 -11.31
CA GLU C 89 29.74 -14.95 -10.28
C GLU C 89 28.33 -14.43 -10.58
N ASP C 90 27.67 -14.95 -11.63
CA ASP C 90 26.23 -14.81 -11.81
C ASP C 90 25.46 -15.88 -11.06
N THR C 91 26.15 -16.83 -10.43
CA THR C 91 25.50 -17.86 -9.62
C THR C 91 24.77 -17.26 -8.43
N ALA C 92 23.46 -17.47 -8.39
CA ALA C 92 22.63 -16.88 -7.35
C ALA C 92 21.22 -17.45 -7.45
N VAL C 93 20.42 -17.17 -6.42
CA VAL C 93 18.98 -17.31 -6.47
C VAL C 93 18.44 -15.97 -6.99
N TYR C 94 17.68 -16.02 -8.07
CA TYR C 94 17.13 -14.82 -8.69
C TYR C 94 15.67 -14.68 -8.29
N TYR C 95 15.28 -13.48 -7.88
CA TYR C 95 13.90 -13.19 -7.50
C TYR C 95 13.33 -12.14 -8.44
N CYS C 96 12.14 -12.42 -8.98
CA CYS C 96 11.34 -11.35 -9.53
C CYS C 96 10.54 -10.69 -8.40
N ALA C 97 10.24 -9.41 -8.57
CA ALA C 97 9.51 -8.67 -7.56
C ALA C 97 8.80 -7.50 -8.22
N ARG C 98 7.73 -7.06 -7.57
CA ARG C 98 7.01 -5.85 -7.96
C ARG C 98 7.56 -4.66 -7.18
N ASP C 99 7.87 -3.56 -7.89
CA ASP C 99 8.42 -2.35 -7.27
C ASP C 99 7.37 -1.23 -7.25
N PRO C 100 6.64 -1.05 -6.14
CA PRO C 100 5.62 0.01 -6.12
C PRO C 100 6.20 1.42 -6.11
N GLU C 101 7.41 1.61 -5.56
CA GLU C 101 7.99 2.93 -5.40
C GLU C 101 9.38 2.83 -4.78
N PHE C 102 10.40 3.24 -5.53
CA PHE C 102 11.74 3.48 -4.99
C PHE C 102 12.32 2.25 -4.29
N GLY C 103 12.16 1.09 -4.93
CA GLY C 103 12.83 -0.10 -4.46
C GLY C 103 12.16 -0.82 -3.31
N ALA C 104 11.05 -0.30 -2.79
CA ALA C 104 10.32 -0.93 -1.67
C ALA C 104 9.53 -2.14 -2.17
N LEU C 105 10.27 -3.19 -2.56
CA LEU C 105 9.67 -4.36 -3.20
C LEU C 105 8.70 -5.07 -2.25
N ASP C 106 7.45 -5.21 -2.67
CA ASP C 106 6.43 -5.75 -1.77
C ASP C 106 5.94 -7.14 -2.13
N TYR C 107 5.99 -7.54 -3.40
CA TYR C 107 5.65 -8.91 -3.77
C TYR C 107 6.87 -9.56 -4.41
N TRP C 108 7.17 -10.79 -4.00
CA TRP C 108 8.39 -11.49 -4.39
C TRP C 108 8.07 -12.88 -4.94
N GLY C 109 8.84 -13.30 -5.93
CA GLY C 109 8.78 -14.67 -6.38
C GLY C 109 9.35 -15.64 -5.36
N GLN C 110 9.18 -16.92 -5.65
CA GLN C 110 9.72 -17.93 -4.75
C GLN C 110 11.23 -18.12 -4.92
N GLY C 111 11.82 -17.58 -5.98
CA GLY C 111 13.24 -17.73 -6.23
C GLY C 111 13.61 -18.89 -7.14
N ALA C 112 14.62 -18.69 -7.99
CA ALA C 112 15.09 -19.70 -8.92
C ALA C 112 16.60 -19.73 -8.88
N LEU C 113 17.17 -20.90 -8.57
CA LEU C 113 18.61 -21.06 -8.50
C LEU C 113 19.21 -21.15 -9.90
N VAL C 114 20.12 -20.23 -10.21
CA VAL C 114 20.96 -20.29 -11.40
C VAL C 114 22.37 -20.67 -10.96
N THR C 115 22.88 -21.80 -11.47
CA THR C 115 24.24 -22.26 -11.16
C THR C 115 25.09 -22.25 -12.42
N VAL C 116 26.13 -21.44 -12.43
CA VAL C 116 27.01 -21.31 -13.59
C VAL C 116 28.25 -22.12 -13.29
N SER C 117 28.36 -23.30 -13.91
CA SER C 117 29.39 -24.26 -13.59
C SER C 117 29.45 -25.30 -14.70
N SER C 118 30.66 -25.83 -14.93
CA SER C 118 30.89 -26.82 -15.97
C SER C 118 30.70 -28.25 -15.52
N ALA C 119 30.56 -28.50 -14.22
CA ALA C 119 30.47 -29.86 -13.71
C ALA C 119 29.19 -30.54 -14.17
N SER C 120 29.19 -31.88 -14.14
CA SER C 120 28.09 -32.69 -14.63
C SER C 120 26.89 -32.66 -13.68
N THR C 121 25.71 -32.88 -14.25
CA THR C 121 24.52 -33.15 -13.45
C THR C 121 24.53 -34.59 -12.98
N LYS C 122 24.29 -34.81 -11.69
CA LYS C 122 24.19 -36.15 -11.14
C LYS C 122 23.01 -36.23 -10.19
N GLY C 123 22.13 -37.20 -10.42
CA GLY C 123 21.03 -37.42 -9.52
C GLY C 123 21.48 -38.06 -8.23
N PRO C 124 20.73 -37.83 -7.16
CA PRO C 124 21.11 -38.36 -5.84
C PRO C 124 20.83 -39.84 -5.69
N SER C 125 21.59 -40.46 -4.80
CA SER C 125 21.26 -41.76 -4.24
C SER C 125 20.54 -41.52 -2.92
N VAL C 126 19.46 -42.26 -2.68
CA VAL C 126 18.63 -42.09 -1.49
C VAL C 126 18.73 -43.37 -0.67
N PHE C 127 19.25 -43.25 0.54
CA PHE C 127 19.42 -44.39 1.43
C PHE C 127 18.63 -44.18 2.71
N PRO C 128 18.01 -45.25 3.23
CA PRO C 128 17.25 -45.10 4.48
C PRO C 128 18.15 -45.00 5.69
N LEU C 129 17.77 -44.10 6.59
CA LEU C 129 18.29 -44.07 7.96
C LEU C 129 17.26 -44.79 8.80
N ALA C 130 17.44 -46.11 8.98
CA ALA C 130 16.36 -46.92 9.51
C ALA C 130 16.29 -46.78 11.03
N PRO C 131 15.10 -46.80 11.60
CA PRO C 131 15.00 -46.72 13.07
C PRO C 131 15.36 -48.04 13.73
N SER C 132 15.90 -47.93 14.93
CA SER C 132 16.32 -49.07 15.73
C SER C 132 16.56 -48.57 17.14
N SER C 133 16.91 -49.49 18.04
CA SER C 133 17.19 -49.12 19.43
C SER C 133 18.33 -48.12 19.52
N LYS C 134 19.21 -48.06 18.52
CA LYS C 134 20.30 -47.09 18.48
C LYS C 134 19.84 -45.71 18.00
N SER C 135 18.68 -45.63 17.36
CA SER C 135 18.07 -44.35 17.03
C SER C 135 16.82 -44.12 17.86
N THR C 136 16.83 -44.57 19.11
CA THR C 136 15.78 -44.36 20.08
C THR C 136 16.30 -43.45 21.20
N SER C 137 15.43 -42.57 21.71
CA SER C 137 15.77 -41.71 22.83
C SER C 137 14.53 -41.58 23.70
N GLY C 138 14.57 -42.21 24.88
CA GLY C 138 13.38 -42.30 25.70
C GLY C 138 12.27 -43.00 24.96
N GLY C 139 11.08 -42.38 24.96
CA GLY C 139 9.94 -42.86 24.23
C GLY C 139 9.88 -42.48 22.76
N THR C 140 10.94 -41.92 22.19
CA THR C 140 10.91 -41.45 20.82
C THR C 140 11.95 -42.18 19.97
N ALA C 141 11.64 -42.31 18.69
CA ALA C 141 12.58 -42.84 17.72
C ALA C 141 12.77 -41.84 16.60
N ALA C 142 13.96 -41.86 16.00
CA ALA C 142 14.28 -41.05 14.83
C ALA C 142 14.53 -41.96 13.65
N LEU C 143 14.07 -41.52 12.48
CA LEU C 143 14.33 -42.21 11.22
C LEU C 143 14.54 -41.13 10.17
N GLY C 144 15.09 -41.54 9.03
CA GLY C 144 15.47 -40.52 8.08
C GLY C 144 15.77 -41.08 6.71
N CYS C 145 16.22 -40.17 5.84
CA CYS C 145 16.68 -40.48 4.49
C CYS C 145 17.99 -39.74 4.26
N LEU C 146 18.97 -40.45 3.70
CA LEU C 146 20.24 -39.86 3.34
C LEU C 146 20.28 -39.69 1.82
N VAL C 147 20.35 -38.42 1.39
CA VAL C 147 20.28 -38.02 -0.01
C VAL C 147 21.70 -37.64 -0.43
N LYS C 148 22.42 -38.58 -1.05
CA LYS C 148 23.87 -38.51 -1.22
C LYS C 148 24.26 -38.30 -2.68
N ASP C 149 25.28 -37.46 -2.90
CA ASP C 149 26.00 -37.35 -4.15
C ASP C 149 25.14 -36.81 -5.30
N TYR C 150 24.75 -35.55 -5.23
CA TYR C 150 23.95 -34.96 -6.28
C TYR C 150 24.54 -33.61 -6.69
N PHE C 151 24.22 -33.20 -7.91
CA PHE C 151 24.70 -31.90 -8.40
C PHE C 151 23.82 -31.53 -9.57
N PRO C 152 23.36 -30.27 -9.66
CA PRO C 152 23.55 -29.23 -8.66
C PRO C 152 22.47 -29.23 -7.58
N GLU C 153 22.56 -28.28 -6.66
CA GLU C 153 21.41 -27.94 -5.84
C GLU C 153 20.27 -27.46 -6.74
N PRO C 154 19.01 -27.57 -6.27
CA PRO C 154 18.60 -28.16 -4.99
C PRO C 154 17.91 -29.52 -5.12
N VAL C 155 17.79 -30.24 -4.01
CA VAL C 155 16.80 -31.29 -3.84
C VAL C 155 15.77 -30.81 -2.83
N THR C 156 14.56 -31.35 -2.94
CA THR C 156 13.54 -31.16 -1.92
C THR C 156 13.15 -32.51 -1.34
N VAL C 157 12.79 -32.52 -0.05
CA VAL C 157 12.35 -33.71 0.64
C VAL C 157 11.02 -33.43 1.35
N SER C 158 10.07 -34.34 1.20
CA SER C 158 8.88 -34.36 2.02
C SER C 158 8.68 -35.79 2.53
N TRP C 159 7.75 -35.92 3.48
CA TRP C 159 7.48 -37.17 4.17
C TRP C 159 6.01 -37.54 4.01
N ASN C 160 5.77 -38.76 3.54
CA ASN C 160 4.42 -39.28 3.31
C ASN C 160 3.62 -38.31 2.45
N SER C 161 4.27 -37.83 1.38
CA SER C 161 3.68 -36.91 0.40
C SER C 161 3.22 -35.61 1.04
N GLY C 162 3.95 -35.11 2.04
CA GLY C 162 3.63 -33.85 2.68
C GLY C 162 2.76 -33.94 3.91
N ALA C 163 2.16 -35.11 4.19
CA ALA C 163 1.26 -35.22 5.35
C ALA C 163 2.02 -35.14 6.66
N LEU C 164 3.22 -35.71 6.71
CA LEU C 164 4.02 -35.74 7.92
C LEU C 164 4.95 -34.52 7.91
N THR C 165 4.73 -33.59 8.84
CA THR C 165 5.60 -32.42 8.96
C THR C 165 6.08 -32.17 10.38
N SER C 166 5.41 -32.70 11.40
CA SER C 166 5.77 -32.44 12.78
C SER C 166 7.05 -33.20 13.13
N GLY C 167 8.04 -32.48 13.67
CA GLY C 167 9.30 -33.09 14.04
C GLY C 167 10.24 -33.40 12.90
N VAL C 168 10.03 -32.83 11.74
CA VAL C 168 10.89 -33.07 10.59
C VAL C 168 11.99 -32.02 10.57
N HIS C 169 13.22 -32.47 10.33
CA HIS C 169 14.35 -31.57 10.06
C HIS C 169 15.02 -32.03 8.77
N THR C 170 14.98 -31.19 7.75
CA THR C 170 15.76 -31.40 6.53
C THR C 170 16.98 -30.49 6.60
N PHE C 171 18.17 -31.11 6.66
CA PHE C 171 19.42 -30.40 6.87
C PHE C 171 19.87 -29.70 5.59
N PRO C 172 20.63 -28.61 5.72
CA PRO C 172 21.14 -27.93 4.51
C PRO C 172 22.18 -28.78 3.80
N ALA C 173 22.24 -28.61 2.48
CA ALA C 173 23.20 -29.36 1.68
C ALA C 173 24.63 -29.04 2.10
N VAL C 174 25.45 -30.08 2.10
CA VAL C 174 26.87 -30.00 2.46
C VAL C 174 27.66 -30.33 1.21
N LEU C 175 28.62 -29.46 0.90
CA LEU C 175 29.53 -29.72 -0.22
C LEU C 175 30.55 -30.77 0.21
N GLN C 176 30.52 -31.92 -0.46
CA GLN C 176 31.42 -33.00 -0.07
C GLN C 176 32.79 -32.81 -0.70
N SER C 177 33.75 -33.63 -0.25
CA SER C 177 35.10 -33.58 -0.78
C SER C 177 35.12 -33.82 -2.29
N SER C 178 34.20 -34.63 -2.80
CA SER C 178 34.12 -34.94 -4.22
C SER C 178 33.67 -33.77 -5.08
N GLY C 179 33.10 -32.73 -4.46
CA GLY C 179 32.49 -31.64 -5.18
C GLY C 179 30.98 -31.75 -5.32
N LEU C 180 30.40 -32.88 -4.92
CA LEU C 180 28.96 -33.10 -4.98
C LEU C 180 28.33 -32.84 -3.61
N TYR C 181 27.02 -32.62 -3.62
CA TYR C 181 26.29 -32.25 -2.41
C TYR C 181 25.66 -33.47 -1.75
N SER C 182 25.45 -33.38 -0.44
CA SER C 182 24.75 -34.38 0.35
C SER C 182 23.92 -33.68 1.42
N LEU C 183 22.83 -34.33 1.83
CA LEU C 183 22.03 -33.89 2.97
C LEU C 183 21.27 -35.08 3.53
N SER C 184 20.75 -34.90 4.75
CA SER C 184 19.86 -35.86 5.39
C SER C 184 18.58 -35.17 5.82
N SER C 185 17.48 -35.91 5.74
CA SER C 185 16.20 -35.50 6.31
C SER C 185 15.78 -36.52 7.36
N VAL C 186 15.52 -36.04 8.58
CA VAL C 186 15.16 -36.88 9.71
C VAL C 186 13.84 -36.39 10.29
N VAL C 187 13.15 -37.32 10.96
CA VAL C 187 11.90 -37.05 11.67
C VAL C 187 11.88 -37.88 12.95
N THR C 188 11.44 -37.28 14.04
CA THR C 188 11.23 -37.99 15.29
C THR C 188 9.76 -38.32 15.47
N VAL C 189 9.48 -39.51 15.98
CA VAL C 189 8.12 -40.03 16.13
C VAL C 189 8.05 -40.85 17.40
N PRO C 190 6.84 -41.15 17.89
CA PRO C 190 6.72 -42.10 19.00
C PRO C 190 7.25 -43.46 18.61
N SER C 191 8.08 -44.05 19.47
CA SER C 191 8.64 -45.36 19.14
C SER C 191 7.58 -46.46 19.12
N SER C 192 6.37 -46.20 19.65
CA SER C 192 5.30 -47.17 19.58
C SER C 192 4.66 -47.24 18.19
N SER C 193 4.95 -46.27 17.32
CA SER C 193 4.33 -46.25 16.01
C SER C 193 5.15 -46.99 14.95
N LEU C 194 6.42 -47.31 15.22
CA LEU C 194 7.21 -48.10 14.29
C LEU C 194 6.58 -49.49 14.10
N GLY C 195 6.63 -49.99 12.87
CA GLY C 195 5.88 -51.16 12.48
C GLY C 195 4.39 -50.97 12.33
N THR C 196 3.81 -49.91 12.92
CA THR C 196 2.38 -49.61 12.74
C THR C 196 2.20 -48.64 11.57
N GLN C 197 2.70 -47.43 11.71
CA GLN C 197 2.60 -46.42 10.69
C GLN C 197 3.78 -46.53 9.73
N THR C 198 3.50 -46.35 8.44
CA THR C 198 4.53 -46.39 7.42
C THR C 198 5.10 -44.99 7.19
N TYR C 199 6.41 -44.95 6.89
CA TYR C 199 7.13 -43.71 6.67
C TYR C 199 7.86 -43.78 5.35
N ILE C 200 7.52 -42.86 4.45
CA ILE C 200 8.12 -42.79 3.12
C ILE C 200 8.65 -41.38 2.93
N CYS C 201 9.89 -41.26 2.47
CA CYS C 201 10.45 -39.96 2.15
C CYS C 201 10.43 -39.78 0.64
N ASN C 202 9.97 -38.61 0.20
CA ASN C 202 9.82 -38.25 -1.20
C ASN C 202 10.92 -37.25 -1.55
N VAL C 203 11.91 -37.71 -2.31
CA VAL C 203 13.03 -36.89 -2.73
C VAL C 203 12.83 -36.49 -4.19
N ASN C 204 12.95 -35.20 -4.47
CA ASN C 204 12.89 -34.69 -5.83
C ASN C 204 14.16 -33.92 -6.14
N HIS C 205 14.81 -34.29 -7.23
CA HIS C 205 15.96 -33.56 -7.77
C HIS C 205 15.63 -33.21 -9.22
N LYS C 206 15.01 -32.05 -9.44
CA LYS C 206 14.59 -31.67 -10.79
C LYS C 206 15.74 -31.58 -11.80
N PRO C 207 16.93 -31.04 -11.47
CA PRO C 207 18.00 -30.98 -12.48
C PRO C 207 18.24 -32.26 -13.24
N SER C 208 18.08 -33.41 -12.59
CA SER C 208 18.32 -34.71 -13.22
C SER C 208 17.02 -35.46 -13.49
N ASN C 209 15.88 -34.82 -13.23
CA ASN C 209 14.57 -35.46 -13.35
C ASN C 209 14.50 -36.77 -12.55
N THR C 210 14.84 -36.66 -11.27
CA THR C 210 14.84 -37.80 -10.35
C THR C 210 13.81 -37.55 -9.26
N LYS C 211 12.80 -38.42 -9.18
CA LYS C 211 11.85 -38.47 -8.07
C LYS C 211 11.93 -39.87 -7.46
N VAL C 212 12.19 -39.94 -6.17
CA VAL C 212 12.31 -41.22 -5.48
C VAL C 212 11.40 -41.18 -4.26
N ASP C 213 10.67 -42.28 -4.03
CA ASP C 213 9.89 -42.51 -2.81
C ASP C 213 10.50 -43.69 -2.08
N LYS C 214 11.34 -43.43 -1.09
CA LYS C 214 12.02 -44.48 -0.35
C LYS C 214 11.25 -44.79 0.93
N LYS C 215 10.82 -46.05 1.07
CA LYS C 215 10.22 -46.52 2.31
C LYS C 215 11.30 -46.73 3.36
N VAL C 216 11.10 -46.18 4.55
CA VAL C 216 12.06 -46.29 5.64
C VAL C 216 11.48 -47.22 6.69
N GLU C 217 12.11 -48.38 6.88
CA GLU C 217 11.54 -49.46 7.70
C GLU C 217 12.41 -49.79 8.91
N PRO C 218 11.83 -50.32 9.99
CA PRO C 218 12.63 -50.62 11.19
C PRO C 218 13.69 -51.69 10.95
N LYS C 219 14.63 -51.76 11.88
CA LYS C 219 15.78 -52.67 11.86
C LYS C 219 16.68 -52.41 10.65
N ASP D 1 26.14 2.17 -5.67
CA ASP D 1 27.34 2.93 -5.32
C ASP D 1 27.14 3.78 -4.06
N VAL D 2 25.90 3.86 -3.58
CA VAL D 2 25.66 4.24 -2.19
C VAL D 2 25.91 3.02 -1.32
N VAL D 3 26.75 3.18 -0.30
CA VAL D 3 27.13 2.08 0.57
C VAL D 3 26.27 2.13 1.82
N MET D 4 25.51 1.06 2.06
CA MET D 4 24.70 0.89 3.25
C MET D 4 25.44 -0.03 4.22
N THR D 5 25.77 0.48 5.40
CA THR D 5 26.46 -0.29 6.43
C THR D 5 25.51 -0.52 7.60
N GLN D 6 25.20 -1.79 7.86
CA GLN D 6 24.35 -2.20 8.97
C GLN D 6 25.21 -2.58 10.16
N SER D 7 24.71 -2.25 11.35
CA SER D 7 25.40 -2.59 12.58
C SER D 7 24.34 -2.89 13.63
N PRO D 8 24.54 -3.95 14.43
CA PRO D 8 25.69 -4.85 14.32
C PRO D 8 25.46 -5.92 13.25
N LEU D 9 26.51 -6.69 12.93
CA LEU D 9 26.36 -7.78 11.97
C LEU D 9 25.64 -8.97 12.57
N SER D 10 25.71 -9.09 13.89
CA SER D 10 25.05 -10.17 14.61
C SER D 10 24.41 -9.59 15.86
N LEU D 11 23.12 -9.86 16.06
CA LEU D 11 22.40 -9.34 17.22
C LEU D 11 21.69 -10.46 17.98
N PRO D 12 22.29 -10.95 19.07
CA PRO D 12 21.59 -11.96 19.90
C PRO D 12 20.60 -11.29 20.83
N VAL D 13 19.36 -11.81 20.86
CA VAL D 13 18.28 -11.24 21.67
C VAL D 13 17.55 -12.36 22.39
N THR D 14 17.17 -12.10 23.64
CA THR D 14 16.32 -13.01 24.39
C THR D 14 14.86 -12.79 24.02
N LEU D 15 14.09 -13.88 23.95
CA LEU D 15 12.67 -13.81 23.65
C LEU D 15 11.97 -12.85 24.59
N GLY D 16 11.08 -12.02 24.03
CA GLY D 16 10.33 -11.04 24.78
C GLY D 16 11.01 -9.70 24.95
N GLN D 17 12.28 -9.59 24.62
CA GLN D 17 13.05 -8.37 24.81
C GLN D 17 13.06 -7.55 23.52
N PRO D 18 13.50 -6.30 23.59
CA PRO D 18 13.61 -5.49 22.37
C PRO D 18 14.90 -5.78 21.60
N ALA D 19 14.90 -5.37 20.33
CA ALA D 19 16.06 -5.46 19.45
C ALA D 19 16.08 -4.25 18.53
N SER D 20 17.29 -3.79 18.18
CA SER D 20 17.48 -2.56 17.42
C SER D 20 18.63 -2.72 16.43
N ILE D 21 18.37 -2.41 15.15
CA ILE D 21 19.35 -2.49 14.08
C ILE D 21 19.55 -1.10 13.49
N SER D 22 20.82 -0.74 13.25
CA SER D 22 21.16 0.53 12.63
C SER D 22 21.61 0.33 11.20
N CYS D 23 21.32 1.32 10.37
CA CYS D 23 21.72 1.33 8.97
C CYS D 23 22.11 2.75 8.61
N ARG D 24 23.31 2.91 8.05
CA ARG D 24 23.85 4.20 7.66
C ARG D 24 24.22 4.20 6.19
N SER D 25 23.79 5.24 5.48
CA SER D 25 24.12 5.41 4.06
C SER D 25 25.33 6.31 3.89
N SER D 26 26.02 6.14 2.76
CA SER D 26 27.17 6.97 2.43
C SER D 26 26.77 8.31 1.83
N GLN D 27 25.50 8.50 1.48
CA GLN D 27 24.98 9.79 1.03
C GLN D 27 23.62 10.00 1.66
N SER D 28 23.13 11.23 1.56
CA SER D 28 21.78 11.53 2.02
C SER D 28 20.77 10.75 1.19
N LEU D 29 19.74 10.24 1.86
CA LEU D 29 18.67 9.50 1.21
C LEU D 29 17.43 10.37 1.03
N VAL D 30 17.56 11.68 1.17
CA VAL D 30 16.46 12.59 0.93
C VAL D 30 16.39 12.85 -0.57
N TYR D 31 15.30 12.42 -1.20
CA TYR D 31 15.09 12.65 -2.61
C TYR D 31 14.70 14.11 -2.85
N SER D 32 14.65 14.52 -4.11
CA SER D 32 14.30 15.90 -4.43
C SER D 32 12.83 16.21 -4.13
N ASP D 33 11.96 15.20 -4.12
CA ASP D 33 10.55 15.38 -3.76
C ASP D 33 10.35 15.57 -2.25
N GLY D 34 11.43 15.56 -1.46
CA GLY D 34 11.35 15.73 -0.03
C GLY D 34 11.15 14.44 0.77
N ASN D 35 10.97 13.30 0.12
CA ASN D 35 10.78 12.02 0.79
C ASN D 35 12.10 11.26 0.92
N THR D 36 12.15 10.38 1.92
CA THR D 36 13.31 9.56 2.20
C THR D 36 12.94 8.10 1.98
N TYR D 37 13.65 7.44 1.06
CA TYR D 37 13.32 6.08 0.62
C TYR D 37 14.34 5.10 1.20
N LEU D 38 14.09 4.68 2.43
CA LEU D 38 14.81 3.60 3.07
C LEU D 38 13.81 2.53 3.48
N ALA D 39 14.11 1.28 3.15
CA ALA D 39 13.22 0.17 3.45
C ALA D 39 13.98 -0.93 4.19
N TRP D 40 13.21 -1.76 4.90
CA TRP D 40 13.76 -2.83 5.71
C TRP D 40 13.09 -4.12 5.30
N PHE D 41 13.88 -5.19 5.23
CA PHE D 41 13.39 -6.51 4.81
C PHE D 41 13.80 -7.56 5.81
N GLN D 42 12.95 -8.58 5.95
CA GLN D 42 13.18 -9.74 6.79
C GLN D 42 13.33 -10.97 5.90
N GLN D 43 14.37 -11.77 6.12
CA GLN D 43 14.56 -13.00 5.37
C GLN D 43 14.66 -14.17 6.35
N ARG D 44 13.62 -14.98 6.39
CA ARG D 44 13.66 -16.20 7.19
C ARG D 44 14.32 -17.31 6.38
N PRO D 45 14.96 -18.27 7.06
CA PRO D 45 15.75 -19.28 6.34
C PRO D 45 14.96 -19.98 5.23
N GLY D 46 15.56 -20.03 4.05
CA GLY D 46 14.97 -20.71 2.92
C GLY D 46 13.83 -19.99 2.23
N GLN D 47 13.56 -18.72 2.59
CA GLN D 47 12.38 -18.02 2.10
C GLN D 47 12.76 -16.71 1.40
N SER D 48 11.85 -16.24 0.55
CA SER D 48 12.04 -14.95 -0.09
C SER D 48 12.09 -13.85 0.96
N PRO D 49 12.78 -12.76 0.69
CA PRO D 49 12.75 -11.62 1.62
C PRO D 49 11.35 -11.01 1.68
N ARG D 50 11.04 -10.44 2.86
CA ARG D 50 9.70 -9.96 3.19
C ARG D 50 9.78 -8.51 3.63
N ARG D 51 9.02 -7.64 2.96
CA ARG D 51 9.08 -6.22 3.27
C ARG D 51 8.43 -5.91 4.61
N LEU D 52 9.16 -5.23 5.49
CA LEU D 52 8.64 -4.80 6.78
C LEU D 52 8.34 -3.31 6.81
N ILE D 53 9.35 -2.50 6.53
CA ILE D 53 9.32 -1.05 6.62
C ILE D 53 9.72 -0.49 5.27
N TYR D 54 9.10 0.64 4.91
CA TYR D 54 9.47 1.40 3.73
C TYR D 54 9.17 2.86 4.03
N ARG D 55 9.79 3.74 3.22
CA ARG D 55 9.73 5.19 3.46
C ARG D 55 10.09 5.51 4.91
N VAL D 56 11.08 4.77 5.42
CA VAL D 56 11.73 4.97 6.71
C VAL D 56 10.85 4.45 7.84
N SER D 57 9.52 4.72 7.79
CA SER D 57 8.66 4.35 8.90
C SER D 57 7.30 3.80 8.49
N ASN D 58 6.98 3.65 7.21
CA ASN D 58 5.71 3.01 6.87
C ASN D 58 5.80 1.51 7.18
N ARG D 59 4.75 0.97 7.82
CA ARG D 59 4.63 -0.48 8.01
C ARG D 59 3.93 -1.11 6.80
N ASP D 60 4.48 -2.23 6.34
CA ASP D 60 3.83 -3.01 5.29
C ASP D 60 2.48 -3.53 5.81
N SER D 61 1.56 -3.82 4.88
CA SER D 61 0.22 -4.20 5.27
C SER D 61 0.17 -5.52 6.03
N GLY D 62 1.15 -6.40 5.85
CA GLY D 62 1.18 -7.65 6.61
C GLY D 62 2.15 -7.64 7.78
N VAL D 63 2.41 -6.46 8.33
CA VAL D 63 3.46 -6.31 9.34
C VAL D 63 2.90 -5.61 10.57
N PRO D 64 3.03 -6.21 11.75
CA PRO D 64 2.43 -5.62 12.96
C PRO D 64 3.23 -4.41 13.45
N ASP D 65 2.60 -3.68 14.37
CA ASP D 65 3.12 -2.42 14.90
C ASP D 65 4.36 -2.56 15.77
N ARG D 66 4.68 -3.78 16.25
CA ARG D 66 5.91 -3.96 17.04
C ARG D 66 7.16 -3.74 16.20
N PHE D 67 7.07 -3.83 14.88
CA PHE D 67 8.15 -3.41 14.00
C PHE D 67 8.00 -1.92 13.72
N SER D 68 9.03 -1.14 14.08
CA SER D 68 9.01 0.29 13.83
C SER D 68 10.34 0.73 13.21
N GLY D 69 10.25 1.65 12.26
CA GLY D 69 11.43 2.25 11.65
C GLY D 69 11.49 3.74 11.95
N SER D 70 12.71 4.25 12.03
CA SER D 70 12.93 5.67 12.29
C SER D 70 14.26 6.07 11.68
N GLY D 71 14.61 7.35 11.83
CA GLY D 71 15.87 7.87 11.35
C GLY D 71 15.70 9.04 10.42
N SER D 72 16.84 9.56 9.97
CA SER D 72 16.85 10.81 9.22
C SER D 72 18.17 10.93 8.49
N GLY D 73 18.16 11.70 7.39
CA GLY D 73 19.35 11.92 6.59
C GLY D 73 20.05 10.66 6.14
N THR D 74 21.02 10.21 6.95
CA THR D 74 21.83 9.03 6.64
C THR D 74 21.82 7.97 7.75
N ASP D 75 21.11 8.18 8.85
CA ASP D 75 21.12 7.27 9.99
C ASP D 75 19.72 6.74 10.23
N PHE D 76 19.56 5.42 10.20
CA PHE D 76 18.24 4.82 10.30
C PHE D 76 18.26 3.64 11.26
N THR D 77 17.10 3.35 11.84
CA THR D 77 17.01 2.35 12.89
C THR D 77 15.76 1.53 12.71
N LEU D 78 15.89 0.21 12.80
CA LEU D 78 14.76 -0.69 12.85
C LEU D 78 14.68 -1.25 14.26
N LYS D 79 13.51 -1.19 14.87
CA LYS D 79 13.32 -1.71 16.21
C LYS D 79 12.22 -2.75 16.21
N ILE D 80 12.42 -3.80 17.01
CA ILE D 80 11.41 -4.79 17.29
C ILE D 80 11.17 -4.75 18.80
N SER D 81 9.96 -4.38 19.20
CA SER D 81 9.71 -4.04 20.60
C SER D 81 9.77 -5.27 21.50
N ARG D 82 9.23 -6.39 21.04
CA ARG D 82 9.27 -7.65 21.78
C ARG D 82 9.49 -8.74 20.75
N VAL D 83 10.67 -9.34 20.78
CA VAL D 83 11.08 -10.31 19.76
C VAL D 83 10.39 -11.64 20.01
N GLU D 84 9.87 -12.25 18.94
CA GLU D 84 9.26 -13.58 18.99
C GLU D 84 10.14 -14.57 18.24
N ALA D 85 9.91 -15.87 18.51
CA ALA D 85 10.75 -16.92 17.94
C ALA D 85 10.84 -16.82 16.42
N GLU D 86 9.72 -16.49 15.76
CA GLU D 86 9.68 -16.42 14.30
C GLU D 86 10.37 -15.20 13.73
N ASP D 87 10.95 -14.34 14.57
CA ASP D 87 11.71 -13.21 14.09
C ASP D 87 13.13 -13.57 13.67
N VAL D 88 13.55 -14.81 13.92
CA VAL D 88 14.93 -15.21 13.61
C VAL D 88 15.15 -15.16 12.10
N GLY D 89 16.32 -14.69 11.71
CA GLY D 89 16.66 -14.57 10.31
C GLY D 89 17.56 -13.38 10.08
N VAL D 90 17.65 -12.96 8.82
CA VAL D 90 18.52 -11.87 8.40
C VAL D 90 17.68 -10.66 8.02
N TYR D 91 18.14 -9.48 8.42
CA TYR D 91 17.45 -8.23 8.16
C TYR D 91 18.34 -7.31 7.32
N TYR D 92 17.77 -6.80 6.24
CA TYR D 92 18.48 -5.93 5.30
C TYR D 92 17.76 -4.59 5.16
N CYS D 93 18.54 -3.51 5.15
CA CYS D 93 18.03 -2.22 4.73
C CYS D 93 18.27 -2.03 3.23
N LEU D 94 17.46 -1.16 2.62
CA LEU D 94 17.60 -0.87 1.19
C LEU D 94 17.28 0.59 0.92
N GLN D 95 18.19 1.29 0.26
CA GLN D 95 17.96 2.67 -0.15
C GLN D 95 17.48 2.69 -1.60
N GLY D 96 16.44 3.48 -1.85
CA GLY D 96 15.88 3.58 -3.18
C GLY D 96 16.01 4.97 -3.76
N THR D 97 16.58 5.89 -2.98
CA THR D 97 16.69 7.28 -3.40
C THR D 97 17.61 7.45 -4.61
N HIS D 98 18.75 6.73 -4.63
CA HIS D 98 19.73 6.81 -5.69
C HIS D 98 19.73 5.54 -6.54
N GLY D 99 20.31 5.65 -7.72
CA GLY D 99 20.41 4.52 -8.61
C GLY D 99 21.86 4.13 -8.84
N PRO D 100 22.19 2.83 -8.70
CA PRO D 100 21.29 1.71 -8.35
C PRO D 100 20.78 1.73 -6.90
N HIS D 101 19.67 1.05 -6.65
CA HIS D 101 19.25 0.81 -5.28
C HIS D 101 20.19 -0.24 -4.66
N THR D 102 20.62 0.00 -3.42
CA THR D 102 21.63 -0.83 -2.78
C THR D 102 21.14 -1.31 -1.42
N PHE D 103 21.42 -2.57 -1.14
CA PHE D 103 21.12 -3.25 0.11
C PHE D 103 22.30 -3.17 1.07
N GLY D 104 21.98 -3.31 2.37
CA GLY D 104 23.01 -3.57 3.35
C GLY D 104 23.46 -5.02 3.32
N GLN D 105 24.54 -5.30 4.05
CA GLN D 105 25.10 -6.65 4.05
C GLN D 105 24.28 -7.62 4.88
N GLY D 106 23.33 -7.11 5.67
CA GLY D 106 22.53 -7.95 6.51
C GLY D 106 22.95 -7.94 7.95
N THR D 107 21.97 -8.01 8.85
CA THR D 107 22.20 -8.23 10.28
C THR D 107 21.50 -9.51 10.67
N ASN D 108 22.27 -10.45 11.22
N ASN D 108 22.27 -10.45 11.22
CA ASN D 108 21.73 -11.74 11.67
CA ASN D 108 21.75 -11.74 11.67
C ASN D 108 21.12 -11.57 13.05
C ASN D 108 21.13 -11.58 13.06
N LEU D 109 19.82 -11.82 13.16
CA LEU D 109 19.11 -11.75 14.43
C LEU D 109 19.06 -13.15 15.04
N GLU D 110 19.67 -13.32 16.19
CA GLU D 110 19.81 -14.60 16.87
C GLU D 110 19.00 -14.60 18.14
N ILE D 111 18.33 -15.71 18.43
CA ILE D 111 17.43 -15.84 19.57
C ILE D 111 18.17 -16.55 20.69
N LYS D 112 18.22 -15.92 21.86
CA LYS D 112 18.71 -16.56 23.07
C LYS D 112 17.52 -17.10 23.86
N ARG D 113 17.59 -18.38 24.23
CA ARG D 113 16.54 -19.05 24.99
C ARG D 113 17.21 -19.86 26.09
N THR D 114 16.44 -20.73 26.75
CA THR D 114 16.98 -21.55 27.83
C THR D 114 17.76 -22.74 27.27
N VAL D 115 18.54 -23.36 28.14
CA VAL D 115 19.37 -24.49 27.72
C VAL D 115 18.50 -25.70 27.40
N ALA D 116 18.86 -26.42 26.35
CA ALA D 116 18.24 -27.69 25.99
C ALA D 116 19.33 -28.67 25.58
N ALA D 117 19.44 -29.78 26.29
CA ALA D 117 20.40 -30.80 25.89
C ALA D 117 19.89 -31.52 24.64
N PRO D 118 20.80 -32.01 23.80
CA PRO D 118 20.38 -32.74 22.61
C PRO D 118 19.96 -34.17 22.92
N SER D 119 18.98 -34.64 22.14
CA SER D 119 18.73 -36.06 21.98
C SER D 119 19.65 -36.60 20.89
N VAL D 120 20.30 -37.73 21.16
CA VAL D 120 21.38 -38.26 20.33
C VAL D 120 20.91 -39.57 19.71
N PHE D 121 21.13 -39.73 18.40
CA PHE D 121 20.74 -40.90 17.64
C PHE D 121 21.88 -41.27 16.71
N ILE D 122 22.07 -42.58 16.50
CA ILE D 122 23.09 -43.09 15.59
C ILE D 122 22.44 -44.08 14.61
N PHE D 123 22.91 -44.06 13.37
CA PHE D 123 22.37 -44.90 12.29
C PHE D 123 23.53 -45.58 11.59
N PRO D 124 23.59 -46.90 11.55
CA PRO D 124 24.60 -47.58 10.72
C PRO D 124 24.28 -47.39 9.24
N PRO D 125 25.23 -47.70 8.36
CA PRO D 125 24.92 -47.64 6.92
C PRO D 125 23.84 -48.65 6.53
N SER D 126 23.10 -48.29 5.50
CA SER D 126 22.04 -49.16 5.00
C SER D 126 22.65 -50.27 4.16
N ASP D 127 21.95 -51.41 4.11
CA ASP D 127 22.38 -52.50 3.27
C ASP D 127 22.47 -52.07 1.81
N GLU D 128 21.57 -51.18 1.40
CA GLU D 128 21.55 -50.70 0.03
C GLU D 128 22.82 -49.91 -0.30
N GLN D 129 23.29 -49.08 0.63
CA GLN D 129 24.52 -48.32 0.39
C GLN D 129 25.75 -49.23 0.37
N LEU D 130 25.78 -50.23 1.25
CA LEU D 130 26.92 -51.14 1.29
C LEU D 130 27.06 -51.92 -0.01
N LYS D 131 25.94 -52.28 -0.64
CA LYS D 131 25.99 -52.93 -1.94
C LYS D 131 26.76 -52.10 -2.98
N SER D 132 26.98 -50.81 -2.71
CA SER D 132 27.58 -49.90 -3.67
C SER D 132 29.08 -49.71 -3.48
N GLY D 133 29.62 -49.94 -2.29
CA GLY D 133 31.04 -49.81 -2.06
C GLY D 133 31.43 -48.77 -1.04
N THR D 134 30.48 -47.98 -0.54
CA THR D 134 30.73 -46.92 0.43
C THR D 134 29.84 -47.12 1.67
N ALA D 135 30.25 -46.49 2.77
CA ALA D 135 29.50 -46.58 4.01
C ALA D 135 29.43 -45.22 4.68
N SER D 136 28.22 -44.79 5.03
CA SER D 136 28.03 -43.55 5.77
C SER D 136 27.37 -43.86 7.10
N VAL D 137 28.00 -43.43 8.19
CA VAL D 137 27.47 -43.57 9.54
C VAL D 137 27.03 -42.19 9.99
N VAL D 138 25.79 -42.10 10.49
CA VAL D 138 25.17 -40.81 10.77
C VAL D 138 24.86 -40.71 12.25
N CYS D 139 25.34 -39.63 12.86
CA CYS D 139 25.03 -39.27 14.24
C CYS D 139 24.22 -37.98 14.23
N LEU D 140 23.05 -38.01 14.87
CA LEU D 140 22.11 -36.90 14.89
C LEU D 140 21.98 -36.37 16.31
N LEU D 141 22.05 -35.06 16.44
CA LEU D 141 21.76 -34.33 17.68
C LEU D 141 20.55 -33.45 17.43
N ASN D 142 19.48 -33.66 18.20
CA ASN D 142 18.19 -33.07 17.91
C ASN D 142 17.81 -32.03 18.96
N ASN D 143 17.44 -30.84 18.50
CA ASN D 143 16.69 -29.84 19.28
C ASN D 143 17.43 -29.33 20.52
N PHE D 144 18.62 -28.76 20.30
CA PHE D 144 19.44 -28.31 21.41
C PHE D 144 19.72 -26.81 21.33
N TYR D 145 20.12 -26.26 22.46
CA TYR D 145 20.57 -24.87 22.58
C TYR D 145 21.46 -24.79 23.81
N PRO D 146 22.59 -24.07 23.76
CA PRO D 146 23.11 -23.29 22.62
C PRO D 146 23.73 -24.14 21.52
N ARG D 147 24.25 -23.46 20.50
CA ARG D 147 24.68 -24.11 19.28
C ARG D 147 25.98 -24.89 19.44
N GLU D 148 26.88 -24.43 20.30
CA GLU D 148 28.17 -25.10 20.42
C GLU D 148 27.98 -26.50 20.96
N ALA D 149 28.35 -27.49 20.15
CA ALA D 149 28.37 -28.89 20.54
C ALA D 149 29.60 -29.54 19.95
N LYS D 150 30.13 -30.54 20.65
CA LYS D 150 31.28 -31.29 20.17
C LYS D 150 30.88 -32.74 19.94
N VAL D 151 31.08 -33.20 18.73
CA VAL D 151 30.82 -34.57 18.31
C VAL D 151 32.14 -35.19 17.91
N GLN D 152 32.50 -36.31 18.53
CA GLN D 152 33.71 -37.05 18.21
C GLN D 152 33.33 -38.46 17.81
N TRP D 153 33.93 -38.95 16.74
CA TRP D 153 33.74 -40.32 16.32
C TRP D 153 34.87 -41.18 16.87
N LYS D 154 34.52 -42.34 17.43
CA LYS D 154 35.49 -43.35 17.85
C LYS D 154 35.16 -44.64 17.14
N VAL D 155 36.17 -45.25 16.52
CA VAL D 155 36.03 -46.49 15.80
C VAL D 155 36.98 -47.49 16.43
N ASP D 156 36.41 -48.49 17.12
CA ASP D 156 37.16 -49.38 17.99
C ASP D 156 38.04 -48.57 18.95
N ASN D 157 37.47 -47.49 19.47
CA ASN D 157 38.04 -46.57 20.46
C ASN D 157 39.22 -45.76 19.94
N ALA D 158 39.46 -45.77 18.63
CA ALA D 158 40.44 -44.87 18.02
C ALA D 158 39.70 -43.63 17.51
N LEU D 159 40.13 -42.47 17.98
CA LEU D 159 39.53 -41.22 17.53
C LEU D 159 39.70 -41.04 16.03
N GLN D 160 38.64 -40.60 15.37
CA GLN D 160 38.70 -40.33 13.95
C GLN D 160 38.96 -38.85 13.70
N SER D 161 39.41 -38.54 12.48
CA SER D 161 39.54 -37.17 11.99
C SER D 161 39.75 -37.23 10.49
N GLY D 162 39.31 -36.16 9.82
CA GLY D 162 39.46 -36.07 8.38
C GLY D 162 38.50 -36.91 7.57
N ASN D 163 37.50 -37.52 8.21
CA ASN D 163 36.55 -38.36 7.49
C ASN D 163 35.12 -38.15 7.98
N SER D 164 34.83 -36.99 8.55
CA SER D 164 33.46 -36.65 8.93
C SER D 164 33.17 -35.22 8.54
N GLN D 165 31.87 -34.93 8.33
CA GLN D 165 31.36 -33.59 8.06
C GLN D 165 30.12 -33.34 8.91
N GLU D 166 29.98 -32.10 9.38
CA GLU D 166 28.83 -31.68 10.16
C GLU D 166 27.93 -30.78 9.34
N SER D 167 26.64 -30.85 9.63
CA SER D 167 25.64 -29.95 9.07
C SER D 167 24.74 -29.49 10.21
N VAL D 168 24.56 -28.18 10.35
CA VAL D 168 23.72 -27.60 11.38
C VAL D 168 22.54 -26.93 10.72
N THR D 169 21.34 -27.15 11.27
CA THR D 169 20.17 -26.42 10.80
C THR D 169 20.28 -24.95 11.19
N GLU D 170 19.45 -24.14 10.55
CA GLU D 170 19.22 -22.79 11.04
C GLU D 170 18.32 -22.85 12.26
N GLN D 171 18.54 -21.92 13.19
CA GLN D 171 17.74 -21.86 14.41
C GLN D 171 16.25 -21.96 14.12
N ASP D 172 15.57 -22.87 14.81
CA ASP D 172 14.19 -23.18 14.52
C ASP D 172 13.27 -21.98 14.73
N SER D 173 12.30 -21.81 13.83
CA SER D 173 11.43 -20.65 13.87
C SER D 173 10.36 -20.72 14.96
N LYS D 174 10.23 -21.85 15.66
CA LYS D 174 9.23 -22.05 16.70
C LYS D 174 9.86 -22.28 18.07
N ASP D 175 10.75 -23.26 18.21
CA ASP D 175 11.34 -23.53 19.53
C ASP D 175 12.73 -22.93 19.70
N SER D 176 13.31 -22.36 18.63
CA SER D 176 14.59 -21.65 18.65
C SER D 176 15.79 -22.57 18.89
N THR D 177 15.65 -23.87 18.64
CA THR D 177 16.74 -24.81 18.86
C THR D 177 17.49 -25.11 17.57
N TYR D 178 18.59 -25.84 17.72
CA TYR D 178 19.40 -26.31 16.61
C TYR D 178 19.34 -27.84 16.52
N SER D 179 19.64 -28.34 15.32
CA SER D 179 19.90 -29.75 15.12
C SER D 179 21.17 -29.90 14.29
N LEU D 180 21.94 -30.93 14.58
CA LEU D 180 23.25 -31.13 13.98
C LEU D 180 23.38 -32.58 13.54
N SER D 181 23.88 -32.79 12.33
CA SER D 181 24.20 -34.14 11.89
C SER D 181 25.70 -34.22 11.67
N SER D 182 26.29 -35.35 12.07
CA SER D 182 27.67 -35.67 11.78
C SER D 182 27.71 -37.01 11.06
N THR D 183 28.30 -37.00 9.87
CA THR D 183 28.36 -38.17 9.01
C THR D 183 29.80 -38.60 8.86
N LEU D 184 30.07 -39.87 9.19
CA LEU D 184 31.38 -40.48 9.03
C LEU D 184 31.34 -41.30 7.74
N THR D 185 32.15 -40.91 6.77
CA THR D 185 32.13 -41.51 5.44
C THR D 185 33.37 -42.40 5.30
N LEU D 186 33.15 -43.68 5.03
CA LEU D 186 34.22 -44.65 4.91
C LEU D 186 34.00 -45.50 3.67
N SER D 187 35.07 -46.15 3.24
CA SER D 187 34.93 -47.20 2.24
C SER D 187 34.25 -48.40 2.91
N LYS D 188 33.56 -49.20 2.10
CA LYS D 188 32.94 -50.41 2.63
C LYS D 188 33.97 -51.31 3.30
N ALA D 189 35.14 -51.48 2.67
CA ALA D 189 36.17 -52.34 3.26
C ALA D 189 36.61 -51.82 4.62
N ASP D 190 36.82 -50.50 4.75
CA ASP D 190 37.25 -49.97 6.04
C ASP D 190 36.15 -50.07 7.08
N TYR D 191 34.90 -49.87 6.67
CA TYR D 191 33.78 -50.02 7.59
C TYR D 191 33.64 -51.46 8.07
N GLU D 192 33.82 -52.44 7.18
CA GLU D 192 33.72 -53.83 7.60
C GLU D 192 34.89 -54.27 8.48
N LYS D 193 36.03 -53.59 8.39
CA LYS D 193 37.21 -53.98 9.15
C LYS D 193 37.00 -53.84 10.65
N HIS D 194 36.14 -52.91 11.08
CA HIS D 194 36.02 -52.55 12.48
C HIS D 194 34.65 -52.91 13.03
N LYS D 195 34.57 -53.02 14.36
CA LYS D 195 33.39 -53.52 15.04
C LYS D 195 32.58 -52.42 15.72
N VAL D 196 33.18 -51.65 16.62
CA VAL D 196 32.47 -50.72 17.49
C VAL D 196 32.54 -49.31 16.90
N TYR D 197 31.38 -48.71 16.65
CA TYR D 197 31.27 -47.35 16.15
C TYR D 197 30.56 -46.50 17.18
N ALA D 198 31.27 -45.52 17.75
CA ALA D 198 30.76 -44.70 18.84
C ALA D 198 30.73 -43.23 18.44
N CYS D 199 29.66 -42.54 18.84
CA CYS D 199 29.48 -41.11 18.67
C CYS D 199 29.46 -40.46 20.05
N GLU D 200 30.45 -39.62 20.35
CA GLU D 200 30.59 -38.99 21.66
C GLU D 200 30.26 -37.51 21.60
N VAL D 201 29.36 -37.07 22.47
CA VAL D 201 28.73 -35.75 22.40
C VAL D 201 29.00 -34.98 23.69
N THR D 202 29.53 -33.76 23.52
CA THR D 202 29.70 -32.82 24.62
C THR D 202 28.82 -31.62 24.37
N HIS D 203 28.02 -31.25 25.38
CA HIS D 203 27.14 -30.11 25.24
C HIS D 203 26.78 -29.63 26.63
N GLN D 204 26.61 -28.31 26.75
CA GLN D 204 26.38 -27.69 28.04
C GLN D 204 25.13 -28.25 28.73
N GLY D 205 24.12 -28.64 27.96
CA GLY D 205 22.91 -29.21 28.53
C GLY D 205 23.08 -30.58 29.14
N LEU D 206 24.04 -31.36 28.66
CA LEU D 206 24.22 -32.73 29.13
C LEU D 206 24.72 -32.74 30.57
N SER D 207 24.40 -33.81 31.28
CA SER D 207 24.89 -34.05 32.63
C SER D 207 26.36 -34.46 32.67
N SER D 208 26.96 -34.75 31.50
CA SER D 208 28.32 -35.24 31.26
C SER D 208 28.35 -35.77 29.82
N PRO D 209 29.52 -35.99 29.23
CA PRO D 209 29.55 -36.44 27.83
C PRO D 209 28.81 -37.74 27.60
N VAL D 210 28.11 -37.82 26.48
CA VAL D 210 27.23 -38.93 26.14
C VAL D 210 27.82 -39.68 24.95
N THR D 211 27.83 -40.99 25.03
CA THR D 211 28.29 -41.84 23.94
C THR D 211 27.13 -42.72 23.49
N LYS D 212 26.92 -42.81 22.18
CA LYS D 212 26.02 -43.80 21.61
C LYS D 212 26.77 -44.63 20.59
N SER D 213 26.70 -45.96 20.73
CA SER D 213 27.52 -46.91 19.96
C SER D 213 26.66 -48.03 19.38
N PHE D 214 27.22 -48.72 18.40
CA PHE D 214 26.65 -49.97 17.90
C PHE D 214 27.77 -50.89 17.44
N ASN D 215 27.42 -52.16 17.22
CA ASN D 215 28.34 -53.20 16.77
C ASN D 215 28.05 -53.57 15.32
N ARG D 216 29.02 -53.35 14.43
CA ARG D 216 28.90 -53.78 13.05
C ARG D 216 28.74 -55.31 12.98
C1 GAL E . 11.08 5.23 -9.01
C2 GAL E . 12.54 4.88 -8.86
C3 GAL E . 12.87 3.84 -9.90
C4 GAL E . 12.00 2.58 -9.60
C5 GAL E . 10.52 2.98 -9.53
C6 GAL E . 9.57 1.91 -9.02
O1 GAL E . 10.75 6.26 -8.20
O2 GAL E . 13.39 6.01 -9.04
O3 GAL E . 14.26 3.48 -9.86
O4 GAL E . 12.38 1.98 -8.36
O5 GAL E . 10.31 4.08 -8.64
O6 GAL E . 8.25 2.40 -8.94
C1 GLA E . 14.68 3.07 -11.17
C2 GLA E . 15.98 2.30 -11.10
C3 GLA E . 17.06 3.20 -10.64
C4 GLA E . 17.19 4.39 -11.54
C5 GLA E . 15.88 5.15 -11.64
C6 GLA E . 16.04 6.28 -12.63
O2 GLA E . 15.84 1.15 -10.21
O3 GLA E . 18.34 2.51 -10.61
O4 GLA E . 17.51 3.94 -12.85
O5 GLA E . 14.79 4.27 -12.08
O6 GLA E . 14.82 6.47 -13.32
C1 GAL F . -11.72 -5.08 9.08
C2 GAL F . -12.62 -4.10 9.77
C3 GAL F . -13.78 -3.86 8.82
C4 GAL F . -13.25 -3.23 7.52
C5 GAL F . -12.02 -4.06 7.00
C6 GAL F . -11.19 -3.38 5.92
O1 GAL F . -10.78 -5.66 9.93
O2 GAL F . -13.09 -4.61 11.00
O3 GAL F . -14.79 -3.00 9.37
O4 GAL F . -12.85 -1.89 7.78
O5 GAL F . -11.09 -4.36 8.04
O6 GAL F . -11.22 -4.07 4.69
C1 GLA F . -16.07 -3.60 9.09
C2 GLA F . -17.21 -2.63 9.43
C3 GLA F . -17.29 -2.43 10.89
C4 GLA F . -17.42 -3.71 11.66
C5 GLA F . -16.30 -4.69 11.29
C6 GLA F . -16.52 -6.00 12.01
O2 GLA F . -17.01 -1.37 8.76
O3 GLA F . -18.43 -1.55 11.16
O4 GLA F . -18.66 -4.35 11.34
O5 GLA F . -16.24 -4.90 9.83
O6 GLA F . -16.89 -7.01 11.10
CL CL G . 1.15 35.69 -0.96
CL CL H . -15.91 51.60 -14.52
CL CL I . -3.97 36.72 12.22
CL CL J . -33.84 13.31 -10.17
CL CL K . -25.71 23.10 -7.73
CL CL L . -40.14 17.31 2.35
CL CL M . -8.07 27.57 -20.78
CL CL N . 9.72 -5.25 -23.05
CL CL O . 19.88 -28.69 -1.80
CL CL P . 11.52 -48.11 -1.40
CL CL Q . 2.47 -34.20 11.31
CL CL R . 19.68 -39.75 23.96
CL CL S . 21.72 -46.04 24.16
CL CL T . 41.14 -41.20 11.39
CL CL U . 5.30 -10.81 12.41
#